data_6JIR
#
_entry.id   6JIR
#
_cell.length_a   112.724
_cell.length_b   123.527
_cell.length_c   85.975
_cell.angle_alpha   90.00
_cell.angle_beta   120.01
_cell.angle_gamma   90.00
#
_symmetry.space_group_name_H-M   'C 1 2 1'
#
loop_
_entity.id
_entity.type
_entity.pdbx_description
1 polymer 'Beta sliding clamp'
2 non-polymer GLYCEROL
3 non-polymer 1,2-ETHANEDIOL
4 non-polymer 'HEXAETHYLENE GLYCOL'
5 non-polymer DI(HYDROXYETHYL)ETHER
6 non-polymer 'TRIETHYLENE GLYCOL'
7 water water
#
_entity_poly.entity_id   1
_entity_poly.type   'polypeptide(L)'
_entity_poly.pdbx_seq_one_letter_code
;MGSSHHHHHHSSGLVPGRGSMKLTIERAALLKALGHVQSVVERRNTIPILSNILLSAEGDRLSFSATDLDMEIIDEGFAQ
IDVPGQITAPAHTLYEIVRKLPDGADVSLSFSGDDPRLVIQAGRSRFNLPVLPAGDFPVMSSDGLSSRIAVDTNELIRLI
DKTRFAISTEETRYYLNGLYVHTVNEGGETKLRAVATDGHRLALAEMPAPEGAVGIPGVIVPRKTIAEARRLMESAGETV
DLQVSPQKVRFEFGAAALTSKVIDGAFPDYMRVIPRDNAKILTLDNDLFAKAVDRVATISAEKSRSVKLAVEPGRITLTV
RNMEAGQAVEEVEVDYDGEPFEIGFNARYLLDVCGQIAGPQAEFRFADPASPTLVVDPVDPGVKYVLMPLRV
;
_entity_poly.pdbx_strand_id   A,B
#
# COMPACT_ATOMS: atom_id res chain seq x y z
N GLY A 17 -44.07 37.47 2.22
CA GLY A 17 -44.33 36.03 1.84
C GLY A 17 -43.33 35.12 2.54
N ARG A 18 -42.09 35.13 2.04
CA ARG A 18 -40.94 34.47 2.71
C ARG A 18 -39.67 35.25 2.65
N GLY A 19 -39.81 36.57 2.68
CA GLY A 19 -38.64 37.44 2.56
C GLY A 19 -38.26 37.67 1.12
N SER A 20 -36.96 37.84 0.89
CA SER A 20 -36.43 38.27 -0.39
C SER A 20 -35.03 37.73 -0.53
N MET A 21 -34.54 37.68 -1.76
CA MET A 21 -33.18 37.26 -2.03
C MET A 21 -32.85 37.72 -3.44
N LYS A 22 -31.59 38.06 -3.67
CA LYS A 22 -31.16 38.52 -5.00
C LYS A 22 -29.66 38.38 -5.09
N LEU A 23 -29.21 37.58 -6.03
CA LEU A 23 -27.80 37.31 -6.22
C LEU A 23 -27.51 36.90 -7.63
N THR A 24 -26.23 36.87 -7.96
CA THR A 24 -25.75 36.28 -9.21
C THR A 24 -24.63 35.35 -8.86
N ILE A 25 -24.52 34.26 -9.61
CA ILE A 25 -23.51 33.25 -9.38
C ILE A 25 -23.07 32.71 -10.71
N GLU A 26 -21.79 32.38 -10.84
CA GLU A 26 -21.31 31.78 -12.09
C GLU A 26 -21.99 30.44 -12.30
N ARG A 27 -22.37 30.14 -13.53
CA ARG A 27 -23.01 28.86 -13.86
C ARG A 27 -22.19 27.67 -13.38
N ALA A 28 -20.87 27.67 -13.62
CA ALA A 28 -20.07 26.52 -13.27
C ALA A 28 -20.09 26.24 -11.75
N ALA A 29 -20.09 27.31 -10.94
CA ALA A 29 -20.08 27.19 -9.49
C ALA A 29 -21.47 26.72 -8.98
N LEU A 30 -22.52 27.34 -9.53
CA LEU A 30 -23.88 26.91 -9.23
C LEU A 30 -24.09 25.45 -9.59
N LEU A 31 -23.68 25.05 -10.80
CA LEU A 31 -23.82 23.68 -11.27
C LEU A 31 -23.04 22.66 -10.44
N LYS A 32 -21.85 23.05 -10.01
CA LYS A 32 -21.04 22.18 -9.18
C LYS A 32 -21.69 21.84 -7.82
N ALA A 33 -22.09 22.89 -7.12
CA ALA A 33 -22.79 22.75 -5.85
C ALA A 33 -24.12 22.03 -5.98
N LEU A 34 -24.92 22.36 -6.99
CA LEU A 34 -26.19 21.62 -7.21
C LEU A 34 -25.97 20.12 -7.45
N GLY A 35 -24.99 19.80 -8.29
CA GLY A 35 -24.61 18.41 -8.56
C GLY A 35 -24.15 17.66 -7.32
N HIS A 36 -23.43 18.36 -6.44
CA HIS A 36 -22.98 17.75 -5.20
C HIS A 36 -24.13 17.41 -4.25
N VAL A 37 -25.04 18.35 -4.04
CA VAL A 37 -26.11 18.12 -3.04
C VAL A 37 -27.29 17.32 -3.60
N GLN A 38 -27.61 17.43 -4.89
CA GLN A 38 -28.84 16.83 -5.45
C GLN A 38 -28.92 15.33 -5.32
N SER A 39 -27.75 14.69 -5.33
CA SER A 39 -27.63 13.22 -5.31
C SER A 39 -28.37 12.53 -4.12
N VAL A 40 -28.40 13.21 -2.98
CA VAL A 40 -29.04 12.67 -1.80
C VAL A 40 -30.56 12.69 -1.94
N VAL A 41 -31.08 13.58 -2.78
CA VAL A 41 -32.57 13.78 -2.88
C VAL A 41 -33.23 12.57 -3.54
N GLU A 42 -34.17 11.95 -2.84
CA GLU A 42 -34.90 10.82 -3.41
C GLU A 42 -35.81 11.27 -4.54
N ARG A 43 -36.08 10.33 -5.43
CA ARG A 43 -36.87 10.61 -6.62
C ARG A 43 -38.36 10.68 -6.33
N ARG A 44 -38.76 10.21 -5.17
CA ARG A 44 -40.10 10.45 -4.68
C ARG A 44 -40.06 10.87 -3.23
N ASN A 45 -41.03 11.71 -2.87
CA ASN A 45 -41.21 12.13 -1.51
C ASN A 45 -42.69 12.47 -1.31
N THR A 46 -43.27 11.83 -0.30
CA THR A 46 -44.63 12.21 0.13
C THR A 46 -44.58 13.51 0.90
N ILE A 47 -43.40 13.85 1.47
CA ILE A 47 -43.16 15.16 2.13
C ILE A 47 -42.45 16.11 1.13
N PRO A 48 -43.17 17.08 0.54
CA PRO A 48 -42.59 17.81 -0.64
C PRO A 48 -41.29 18.58 -0.37
N ILE A 49 -41.12 19.14 0.83
CA ILE A 49 -39.90 19.90 1.08
C ILE A 49 -38.63 19.03 1.03
N LEU A 50 -38.77 17.71 1.21
CA LEU A 50 -37.62 16.79 1.10
C LEU A 50 -37.11 16.66 -0.34
N SER A 51 -37.92 17.08 -1.30
CA SER A 51 -37.51 17.14 -2.69
C SER A 51 -36.77 18.41 -3.01
N ASN A 52 -36.58 19.31 -2.04
CA ASN A 52 -36.03 20.61 -2.29
C ASN A 52 -34.60 20.76 -1.78
N ILE A 53 -33.90 21.70 -2.41
CA ILE A 53 -32.62 22.19 -1.93
C ILE A 53 -32.89 23.49 -1.16
N LEU A 54 -32.25 23.64 -0.01
CA LEU A 54 -32.22 24.89 0.77
C LEU A 54 -31.09 25.77 0.27
N LEU A 55 -31.47 26.93 -0.24
CA LEU A 55 -30.53 27.96 -0.68
C LEU A 55 -30.46 29.05 0.37
N SER A 56 -29.26 29.35 0.83
CA SER A 56 -29.05 30.35 1.88
C SER A 56 -27.92 31.29 1.48
N ALA A 57 -28.29 32.54 1.17
CA ALA A 57 -27.34 33.53 0.65
C ALA A 57 -27.00 34.56 1.74
N GLU A 58 -25.71 34.70 2.02
CA GLU A 58 -25.24 35.70 2.96
C GLU A 58 -23.79 36.06 2.63
N GLY A 59 -23.46 37.35 2.79
CA GLY A 59 -22.10 37.84 2.53
C GLY A 59 -21.76 37.68 1.06
N ASP A 60 -20.78 36.84 0.78
CA ASP A 60 -20.44 36.42 -0.58
C ASP A 60 -20.52 34.89 -0.77
N ARG A 61 -21.39 34.25 0.01
CA ARG A 61 -21.48 32.77 0.05
C ARG A 61 -22.95 32.36 -0.17
N LEU A 62 -23.14 31.50 -1.14
CA LEU A 62 -24.43 30.84 -1.32
C LEU A 62 -24.22 29.43 -0.77
N SER A 63 -24.95 29.09 0.28
CA SER A 63 -24.92 27.73 0.82
C SER A 63 -26.11 26.92 0.29
N PHE A 64 -25.87 25.62 0.16
CA PHE A 64 -26.78 24.63 -0.42
C PHE A 64 -26.91 23.49 0.59
N SER A 65 -28.12 22.97 0.78
CA SER A 65 -28.35 21.82 1.65
C SER A 65 -29.43 20.94 0.99
N ALA A 66 -29.30 19.63 1.12
CA ALA A 66 -30.36 18.69 0.74
C ALA A 66 -30.32 17.52 1.69
N THR A 67 -31.45 16.83 1.82
CA THR A 67 -31.57 15.77 2.78
C THR A 67 -32.62 14.74 2.37
N ASP A 68 -32.43 13.51 2.83
CA ASP A 68 -33.48 12.50 2.84
C ASP A 68 -33.85 12.08 4.27
N LEU A 69 -33.60 12.95 5.24
CA LEU A 69 -33.74 12.67 6.68
C LEU A 69 -32.71 11.73 7.30
N ASP A 70 -32.27 10.70 6.56
CA ASP A 70 -31.15 9.87 7.04
C ASP A 70 -29.83 10.61 6.95
N MET A 71 -29.67 11.44 5.94
CA MET A 71 -28.43 12.17 5.78
C MET A 71 -28.69 13.50 5.14
N GLU A 72 -27.73 14.39 5.34
CA GLU A 72 -27.76 15.74 4.82
C GLU A 72 -26.43 16.02 4.12
N ILE A 73 -26.48 16.56 2.91
CA ILE A 73 -25.26 17.07 2.24
C ILE A 73 -25.37 18.59 2.22
N ILE A 74 -24.27 19.26 2.53
CA ILE A 74 -24.20 20.70 2.44
C ILE A 74 -23.03 21.05 1.53
N ASP A 75 -23.17 22.15 0.80
CA ASP A 75 -22.07 22.65 -0.04
C ASP A 75 -22.20 24.19 -0.10
N GLU A 76 -21.24 24.85 -0.74
CA GLU A 76 -21.21 26.29 -0.81
C GLU A 76 -20.43 26.72 -2.06
N GLY A 77 -20.82 27.86 -2.61
CA GLY A 77 -20.10 28.50 -3.70
C GLY A 77 -20.05 30.01 -3.54
N PHE A 78 -19.12 30.64 -4.26
CA PHE A 78 -19.03 32.11 -4.27
C PHE A 78 -20.22 32.70 -5.02
N ALA A 79 -20.82 33.74 -4.47
CA ALA A 79 -21.86 34.49 -5.15
C ALA A 79 -21.73 35.98 -4.89
N GLN A 80 -22.28 36.78 -5.80
CA GLN A 80 -22.42 38.25 -5.61
C GLN A 80 -23.83 38.52 -5.16
N ILE A 81 -23.98 38.88 -3.90
CA ILE A 81 -25.29 38.95 -3.28
C ILE A 81 -25.73 40.41 -3.08
N ASP A 82 -26.85 40.79 -3.70
CA ASP A 82 -27.45 42.10 -3.50
C ASP A 82 -28.38 42.10 -2.33
N VAL A 83 -29.17 41.05 -2.16
CA VAL A 83 -30.12 40.97 -1.04
C VAL A 83 -30.00 39.56 -0.46
N PRO A 84 -29.56 39.47 0.83
CA PRO A 84 -29.44 38.14 1.45
C PRO A 84 -30.79 37.55 1.82
N GLY A 85 -30.82 36.22 1.87
CA GLY A 85 -32.02 35.53 2.21
C GLY A 85 -31.89 34.03 2.01
N GLN A 86 -33.02 33.36 2.19
CA GLN A 86 -33.08 31.89 2.28
C GLN A 86 -34.37 31.42 1.69
N ILE A 87 -34.32 30.30 0.94
CA ILE A 87 -35.50 29.73 0.33
C ILE A 87 -35.22 28.27 -0.08
N THR A 88 -36.26 27.51 -0.32
CA THR A 88 -36.12 26.13 -0.84
C THR A 88 -36.82 26.00 -2.15
N ALA A 89 -36.24 25.21 -3.06
CA ALA A 89 -36.80 25.01 -4.39
C ALA A 89 -36.47 23.59 -4.88
N PRO A 90 -37.26 23.06 -5.83
CA PRO A 90 -37.10 21.63 -6.21
C PRO A 90 -35.73 21.30 -6.77
N ALA A 91 -35.12 20.28 -6.17
CA ALA A 91 -33.70 19.98 -6.36
C ALA A 91 -33.36 19.54 -7.79
N HIS A 92 -34.04 18.52 -8.26
CA HIS A 92 -33.80 17.97 -9.55
C HIS A 92 -34.11 18.95 -10.65
N THR A 93 -35.25 19.59 -10.56
CA THR A 93 -35.59 20.53 -11.59
C THR A 93 -34.58 21.67 -11.66
N LEU A 94 -34.16 22.21 -10.50
CA LEU A 94 -33.22 23.31 -10.48
C LEU A 94 -31.90 22.87 -11.13
N TYR A 95 -31.44 21.67 -10.77
CA TYR A 95 -30.19 21.11 -11.29
C TYR A 95 -30.28 20.97 -12.82
N GLU A 96 -31.38 20.37 -13.30
CA GLU A 96 -31.56 20.10 -14.74
C GLU A 96 -31.60 21.40 -15.54
N ILE A 97 -32.30 22.40 -15.02
CA ILE A 97 -32.28 23.74 -15.59
C ILE A 97 -30.86 24.29 -15.78
N VAL A 98 -30.11 24.31 -14.69
CA VAL A 98 -28.77 24.88 -14.65
C VAL A 98 -27.85 24.13 -15.62
N ARG A 99 -27.97 22.81 -15.71
CA ARG A 99 -27.27 22.03 -16.73
C ARG A 99 -27.46 22.55 -18.15
N LYS A 100 -28.68 22.98 -18.48
CA LYS A 100 -28.99 23.46 -19.82
C LYS A 100 -28.61 24.91 -20.07
N LEU A 101 -28.26 25.67 -19.06
CA LEU A 101 -27.96 27.09 -19.27
C LEU A 101 -26.64 27.19 -20.05
N PRO A 102 -26.48 28.25 -20.88
CA PRO A 102 -25.26 28.33 -21.68
C PRO A 102 -24.00 28.38 -20.84
N ASP A 103 -22.96 27.69 -21.32
CA ASP A 103 -21.64 27.70 -20.71
C ASP A 103 -21.15 29.16 -20.49
N GLY A 104 -20.56 29.43 -19.34
CA GLY A 104 -20.08 30.77 -18.99
C GLY A 104 -21.09 31.86 -18.57
N ALA A 105 -22.39 31.60 -18.69
CA ALA A 105 -23.39 32.61 -18.32
C ALA A 105 -23.50 32.79 -16.81
N ASP A 106 -23.58 34.04 -16.36
CA ASP A 106 -23.84 34.33 -14.96
C ASP A 106 -25.33 34.15 -14.68
N VAL A 107 -25.66 33.52 -13.56
CA VAL A 107 -27.04 33.12 -13.29
C VAL A 107 -27.57 33.97 -12.17
N SER A 108 -28.66 34.65 -12.41
CA SER A 108 -29.35 35.41 -11.39
C SER A 108 -30.38 34.51 -10.69
N LEU A 109 -30.36 34.52 -9.36
CA LEU A 109 -31.36 33.86 -8.51
C LEU A 109 -32.01 34.89 -7.62
N SER A 110 -33.33 34.93 -7.59
CA SER A 110 -34.06 35.89 -6.78
C SER A 110 -35.48 35.49 -6.49
N PHE A 111 -36.05 36.02 -5.40
CA PHE A 111 -37.46 35.99 -5.17
C PHE A 111 -37.87 37.15 -4.26
N SER A 112 -39.17 37.49 -4.31
CA SER A 112 -39.76 38.53 -3.44
C SER A 112 -41.25 38.51 -3.50
N GLY A 113 -41.87 39.25 -2.58
CA GLY A 113 -43.30 39.56 -2.66
C GLY A 113 -44.18 38.52 -2.04
N ASP A 114 -45.48 38.71 -2.22
CA ASP A 114 -46.48 37.89 -1.52
C ASP A 114 -46.65 36.48 -2.11
N ASP A 115 -46.46 36.32 -3.43
CA ASP A 115 -46.64 35.03 -4.09
C ASP A 115 -45.30 34.65 -4.73
N PRO A 116 -44.26 34.42 -3.92
CA PRO A 116 -42.93 34.31 -4.51
C PRO A 116 -42.75 33.01 -5.31
N ARG A 117 -41.95 33.10 -6.36
CA ARG A 117 -41.38 31.98 -7.07
C ARG A 117 -39.90 32.23 -7.11
N LEU A 118 -39.09 31.18 -7.16
CA LEU A 118 -37.65 31.33 -7.37
C LEU A 118 -37.43 31.67 -8.85
N VAL A 119 -36.85 32.82 -9.11
CA VAL A 119 -36.61 33.26 -10.50
C VAL A 119 -35.16 32.99 -10.85
N ILE A 120 -34.96 32.15 -11.86
CA ILE A 120 -33.62 31.83 -12.35
C ILE A 120 -33.53 32.45 -13.74
N GLN A 121 -32.54 33.30 -13.95
CA GLN A 121 -32.27 33.75 -15.31
C GLN A 121 -30.82 33.91 -15.67
N ALA A 122 -30.57 33.61 -16.93
CA ALA A 122 -29.26 33.63 -17.54
C ALA A 122 -29.52 33.84 -19.02
N GLY A 123 -28.72 34.69 -19.66
CA GLY A 123 -28.92 35.01 -21.07
C GLY A 123 -30.33 35.54 -21.33
N ARG A 124 -31.03 34.89 -22.24
CA ARG A 124 -32.40 35.24 -22.63
C ARG A 124 -33.47 34.29 -22.01
N SER A 125 -33.07 33.42 -21.08
CA SER A 125 -33.92 32.43 -20.40
C SER A 125 -34.41 32.97 -19.06
N ARG A 126 -35.66 32.69 -18.71
CA ARG A 126 -36.15 32.91 -17.35
C ARG A 126 -37.01 31.75 -16.89
N PHE A 127 -36.70 31.20 -15.71
CA PHE A 127 -37.48 30.09 -15.16
C PHE A 127 -38.03 30.57 -13.82
N ASN A 128 -39.29 30.20 -13.53
CA ASN A 128 -39.92 30.43 -12.25
C ASN A 128 -40.23 29.05 -11.65
N LEU A 129 -39.74 28.77 -10.44
CA LEU A 129 -40.08 27.53 -9.74
C LEU A 129 -40.85 27.79 -8.44
N PRO A 130 -41.73 26.85 -8.06
CA PRO A 130 -42.40 26.99 -6.76
C PRO A 130 -41.43 26.79 -5.62
N VAL A 131 -41.68 27.47 -4.51
CA VAL A 131 -40.78 27.45 -3.38
C VAL A 131 -41.48 27.07 -2.11
N LEU A 132 -40.72 26.62 -1.14
CA LEU A 132 -41.24 26.42 0.21
C LEU A 132 -40.31 27.12 1.17
N PRO A 133 -40.86 27.63 2.30
CA PRO A 133 -40.00 28.46 3.17
C PRO A 133 -38.86 27.69 3.81
N ALA A 134 -37.74 28.39 3.98
CA ALA A 134 -36.53 27.86 4.55
C ALA A 134 -36.74 27.38 5.97
N GLY A 135 -37.64 28.04 6.72
CA GLY A 135 -37.91 27.66 8.11
C GLY A 135 -38.55 26.27 8.25
N ASP A 136 -39.21 25.78 7.20
CA ASP A 136 -39.67 24.40 7.17
C ASP A 136 -38.63 23.33 6.77
N PHE A 137 -37.42 23.74 6.41
CA PHE A 137 -36.41 22.75 5.96
C PHE A 137 -35.85 21.98 7.16
N PRO A 138 -35.72 20.64 7.07
CA PRO A 138 -35.20 19.91 8.20
C PRO A 138 -33.83 20.36 8.67
N VAL A 139 -33.63 20.21 9.98
CA VAL A 139 -32.38 20.56 10.60
C VAL A 139 -31.71 19.27 11.03
N MET A 140 -30.48 19.08 10.62
CA MET A 140 -29.72 17.91 10.99
C MET A 140 -28.74 18.34 12.10
N SER A 141 -28.92 17.82 13.29
CA SER A 141 -28.01 18.18 14.40
C SER A 141 -26.65 17.50 14.24
N SER A 142 -25.60 18.19 14.68
CA SER A 142 -24.28 17.60 14.81
C SER A 142 -23.94 17.23 16.29
N ASP A 143 -24.91 17.32 17.21
CA ASP A 143 -24.68 17.01 18.64
C ASP A 143 -24.24 15.58 18.86
N GLY A 144 -23.27 15.40 19.75
CA GLY A 144 -22.74 14.09 20.09
C GLY A 144 -21.52 13.65 19.29
N LEU A 145 -21.27 14.24 18.14
CA LEU A 145 -20.12 13.87 17.31
C LEU A 145 -18.75 14.11 17.98
N SER A 146 -17.84 13.19 17.75
CA SER A 146 -16.44 13.34 18.13
C SER A 146 -15.85 14.59 17.47
N SER A 147 -14.67 14.94 17.95
CA SER A 147 -13.85 15.92 17.27
C SER A 147 -13.46 15.37 15.90
N ARG A 148 -13.14 16.28 14.99
CA ARG A 148 -12.74 15.94 13.63
C ARG A 148 -11.47 15.11 13.63
N ILE A 149 -11.47 14.02 12.85
CA ILE A 149 -10.32 13.16 12.71
C ILE A 149 -9.87 13.28 11.25
N ALA A 150 -8.65 13.81 11.05
CA ALA A 150 -8.09 13.86 9.71
C ALA A 150 -7.75 12.47 9.19
N VAL A 151 -8.35 12.12 8.04
CA VAL A 151 -8.09 10.87 7.36
C VAL A 151 -7.57 11.17 5.96
N ASP A 152 -6.48 10.48 5.59
CA ASP A 152 -5.91 10.52 4.24
C ASP A 152 -7.01 10.08 3.26
N THR A 153 -7.30 10.95 2.29
CA THR A 153 -8.40 10.70 1.37
C THR A 153 -8.22 9.39 0.62
N ASN A 154 -6.99 9.13 0.15
CA ASN A 154 -6.74 7.93 -0.60
C ASN A 154 -6.84 6.64 0.22
N GLU A 155 -6.47 6.71 1.48
CA GLU A 155 -6.68 5.59 2.40
C GLU A 155 -8.18 5.37 2.63
N LEU A 156 -8.94 6.45 2.79
CA LEU A 156 -10.37 6.31 2.99
C LEU A 156 -11.08 5.70 1.77
N ILE A 157 -10.68 6.16 0.57
CA ILE A 157 -11.08 5.52 -0.70
C ILE A 157 -10.80 4.01 -0.73
N ARG A 158 -9.60 3.64 -0.30
CA ARG A 158 -9.18 2.28 -0.25
C ARG A 158 -10.05 1.46 0.68
N LEU A 159 -10.29 1.92 1.89
CA LEU A 159 -11.18 1.19 2.81
C LEU A 159 -12.55 0.90 2.17
N ILE A 160 -13.08 1.89 1.46
CA ILE A 160 -14.38 1.76 0.83
C ILE A 160 -14.34 0.81 -0.40
N ASP A 161 -13.42 1.06 -1.30
CA ASP A 161 -13.37 0.37 -2.59
C ASP A 161 -13.07 -1.12 -2.43
N LYS A 162 -12.21 -1.47 -1.45
CA LYS A 162 -11.88 -2.85 -1.19
C LYS A 162 -13.00 -3.67 -0.52
N THR A 163 -14.02 -3.01 0.02
CA THR A 163 -15.08 -3.69 0.78
C THR A 163 -16.51 -3.48 0.32
N ARG A 164 -16.77 -2.36 -0.35
CA ARG A 164 -18.10 -1.95 -0.79
C ARG A 164 -18.97 -2.98 -1.51
N PHE A 165 -18.34 -3.81 -2.34
CA PHE A 165 -19.07 -4.81 -3.12
C PHE A 165 -19.78 -5.86 -2.27
N ALA A 166 -19.31 -6.10 -1.05
CA ALA A 166 -19.83 -7.12 -0.18
C ALA A 166 -20.93 -6.62 0.79
N ILE A 167 -21.26 -5.34 0.72
CA ILE A 167 -22.37 -4.78 1.52
C ILE A 167 -23.68 -5.38 0.97
N SER A 168 -24.56 -5.74 1.86
CA SER A 168 -25.86 -6.32 1.47
C SER A 168 -26.73 -5.24 0.86
N THR A 169 -27.50 -5.60 -0.17
CA THR A 169 -28.65 -4.80 -0.60
C THR A 169 -29.98 -5.51 -0.33
N GLU A 170 -29.97 -6.54 0.49
CA GLU A 170 -31.18 -7.31 0.80
C GLU A 170 -31.97 -6.62 1.90
N GLU A 171 -33.20 -6.24 1.55
CA GLU A 171 -34.13 -5.59 2.47
C GLU A 171 -34.35 -6.38 3.78
N THR A 172 -34.22 -7.70 3.74
CA THR A 172 -34.48 -8.56 4.89
C THR A 172 -33.39 -8.56 5.98
N ARG A 173 -32.22 -7.95 5.72
CA ARG A 173 -31.18 -7.79 6.73
C ARG A 173 -30.60 -6.35 6.74
N TYR A 174 -31.39 -5.43 7.30
CA TYR A 174 -31.06 -4.00 7.28
C TYR A 174 -29.67 -3.74 7.92
N TYR A 175 -29.31 -4.53 8.93
CA TYR A 175 -28.04 -4.40 9.68
C TYR A 175 -26.79 -4.79 8.87
N LEU A 176 -26.95 -5.47 7.74
CA LEU A 176 -25.86 -5.74 6.80
C LEU A 176 -25.85 -4.77 5.61
N ASN A 177 -26.81 -3.85 5.54
CA ASN A 177 -26.90 -2.88 4.46
C ASN A 177 -26.03 -1.66 4.75
N GLY A 178 -24.84 -1.88 5.30
CA GLY A 178 -23.90 -0.80 5.59
C GLY A 178 -22.50 -1.34 5.80
N LEU A 179 -21.55 -0.44 6.05
CA LEU A 179 -20.17 -0.79 6.18
C LEU A 179 -19.81 -0.61 7.64
N TYR A 180 -19.30 -1.65 8.27
CA TYR A 180 -18.93 -1.59 9.67
C TYR A 180 -17.54 -0.97 9.84
N VAL A 181 -17.51 0.27 10.32
CA VAL A 181 -16.29 1.01 10.50
C VAL A 181 -15.94 1.06 11.99
N HIS A 182 -14.76 0.62 12.35
CA HIS A 182 -14.35 0.58 13.73
C HIS A 182 -12.87 0.46 13.90
N THR A 183 -12.38 0.68 15.11
CA THR A 183 -10.94 0.54 15.42
C THR A 183 -10.72 -0.80 16.06
N VAL A 184 -9.52 -1.33 15.90
CA VAL A 184 -9.16 -2.64 16.44
C VAL A 184 -7.73 -2.50 16.94
N ASN A 185 -7.45 -3.09 18.10
CA ASN A 185 -6.08 -3.18 18.56
C ASN A 185 -5.53 -4.53 18.11
N GLU A 186 -4.76 -4.51 17.03
CA GLU A 186 -4.23 -5.73 16.43
C GLU A 186 -2.79 -5.92 16.92
N GLY A 187 -2.67 -6.58 18.07
CA GLY A 187 -1.37 -6.92 18.68
C GLY A 187 -0.45 -5.74 18.91
N GLY A 188 -0.95 -4.71 19.58
CA GLY A 188 -0.15 -3.54 19.94
C GLY A 188 -0.21 -2.33 19.01
N GLU A 189 -0.89 -2.45 17.87
CA GLU A 189 -1.10 -1.31 16.95
C GLU A 189 -2.57 -1.15 16.60
N THR A 190 -3.03 0.08 16.65
CA THR A 190 -4.44 0.38 16.40
C THR A 190 -4.68 0.54 14.89
N LYS A 191 -5.75 -0.10 14.44
CA LYS A 191 -6.12 -0.12 13.03
C LYS A 191 -7.50 0.51 12.89
N LEU A 192 -7.72 1.29 11.84
CA LEU A 192 -9.08 1.65 11.43
C LEU A 192 -9.47 0.61 10.35
N ARG A 193 -10.56 -0.12 10.61
CA ARG A 193 -10.96 -1.28 9.81
C ARG A 193 -12.37 -1.08 9.30
N ALA A 194 -12.59 -1.55 8.08
CA ALA A 194 -13.91 -1.60 7.45
C ALA A 194 -14.22 -3.06 7.12
N VAL A 195 -15.40 -3.51 7.51
CA VAL A 195 -15.87 -4.85 7.16
C VAL A 195 -17.27 -4.79 6.57
N ALA A 196 -17.45 -5.50 5.47
CA ALA A 196 -18.77 -5.63 4.87
C ALA A 196 -19.05 -7.11 4.63
N THR A 197 -20.29 -7.51 4.87
CA THR A 197 -20.75 -8.85 4.53
C THR A 197 -22.23 -8.82 4.25
N ASP A 198 -22.65 -9.70 3.36
CA ASP A 198 -24.08 -9.91 3.05
C ASP A 198 -24.52 -11.30 3.51
N GLY A 199 -23.64 -12.03 4.21
CA GLY A 199 -23.94 -13.39 4.67
C GLY A 199 -23.54 -14.46 3.67
N HIS A 200 -23.16 -14.07 2.46
CA HIS A 200 -22.76 -15.00 1.39
C HIS A 200 -21.25 -14.92 1.08
N ARG A 201 -20.62 -13.88 1.62
CA ARG A 201 -19.19 -13.63 1.46
C ARG A 201 -18.82 -12.51 2.42
N LEU A 202 -17.56 -12.08 2.40
CA LEU A 202 -17.12 -11.01 3.28
C LEU A 202 -15.90 -10.31 2.75
N ALA A 203 -15.80 -9.02 3.04
CA ALA A 203 -14.61 -8.26 2.63
C ALA A 203 -14.15 -7.47 3.84
N LEU A 204 -12.83 -7.42 4.04
CA LEU A 204 -12.25 -6.65 5.13
C LEU A 204 -11.08 -5.82 4.60
N ALA A 205 -10.98 -4.57 5.05
CA ALA A 205 -9.85 -3.72 4.73
C ALA A 205 -9.51 -2.84 5.94
N GLU A 206 -8.23 -2.62 6.16
CA GLU A 206 -7.80 -1.82 7.30
C GLU A 206 -6.53 -1.05 7.00
N MET A 207 -6.29 -0.05 7.85
CA MET A 207 -5.15 0.83 7.73
C MET A 207 -4.64 1.15 9.14
N PRO A 208 -3.36 1.58 9.28
CA PRO A 208 -2.98 2.09 10.60
C PRO A 208 -3.94 3.25 10.93
N ALA A 209 -4.43 3.29 12.15
CA ALA A 209 -5.43 4.23 12.56
C ALA A 209 -4.92 5.65 12.46
N PRO A 210 -5.74 6.54 11.87
CA PRO A 210 -5.31 7.94 11.90
C PRO A 210 -5.13 8.46 13.34
N GLU A 211 -4.27 9.43 13.52
CA GLU A 211 -4.09 10.06 14.84
C GLU A 211 -5.45 10.65 15.32
N GLY A 212 -5.85 10.29 16.53
CA GLY A 212 -7.13 10.75 17.11
C GLY A 212 -8.30 9.84 16.86
N ALA A 213 -8.11 8.74 16.11
CA ALA A 213 -9.20 7.81 15.80
C ALA A 213 -9.58 6.94 17.03
N VAL A 214 -8.56 6.46 17.76
CA VAL A 214 -8.82 5.58 18.91
C VAL A 214 -9.79 6.30 19.87
N GLY A 215 -10.81 5.60 20.30
CA GLY A 215 -11.88 6.19 21.09
C GLY A 215 -13.22 6.16 20.38
N ILE A 216 -13.24 6.17 19.05
CA ILE A 216 -14.52 6.17 18.32
C ILE A 216 -15.28 4.82 18.49
N PRO A 217 -16.60 4.87 18.63
CA PRO A 217 -17.40 3.63 18.60
C PRO A 217 -17.48 2.98 17.22
N GLY A 218 -17.65 1.66 17.18
CA GLY A 218 -17.94 0.93 15.97
C GLY A 218 -19.34 1.26 15.42
N VAL A 219 -19.41 1.65 14.14
CA VAL A 219 -20.68 2.04 13.54
C VAL A 219 -20.89 1.37 12.21
N ILE A 220 -22.14 1.16 11.87
CA ILE A 220 -22.51 0.62 10.59
C ILE A 220 -22.97 1.81 9.74
N VAL A 221 -22.14 2.19 8.78
CA VAL A 221 -22.42 3.39 7.96
C VAL A 221 -23.34 2.90 6.85
N PRO A 222 -24.52 3.54 6.66
CA PRO A 222 -25.47 3.04 5.65
C PRO A 222 -24.89 2.97 4.26
N ARG A 223 -25.37 2.03 3.47
CA ARG A 223 -24.83 1.88 2.12
C ARG A 223 -24.99 3.12 1.24
N LYS A 224 -26.09 3.86 1.38
CA LYS A 224 -26.27 5.06 0.56
C LYS A 224 -25.29 6.19 1.03
N THR A 225 -25.07 6.29 2.33
CA THR A 225 -24.02 7.17 2.88
C THR A 225 -22.65 6.87 2.32
N ILE A 226 -22.26 5.60 2.33
CA ILE A 226 -21.03 5.15 1.66
C ILE A 226 -20.96 5.61 0.20
N ALA A 227 -22.02 5.33 -0.59
CA ALA A 227 -22.06 5.74 -1.99
C ALA A 227 -21.82 7.25 -2.12
N GLU A 228 -22.53 8.03 -1.32
CA GLU A 228 -22.51 9.47 -1.44
C GLU A 228 -21.18 10.07 -0.99
N ALA A 229 -20.66 9.56 0.12
CA ALA A 229 -19.34 9.95 0.60
C ALA A 229 -18.27 9.61 -0.43
N ARG A 230 -18.32 8.39 -0.95
CA ARG A 230 -17.34 7.94 -1.93
C ARG A 230 -17.30 8.82 -3.18
N ARG A 231 -18.46 9.24 -3.67
CA ARG A 231 -18.53 10.11 -4.84
C ARG A 231 -17.89 11.48 -4.51
N LEU A 232 -18.24 12.06 -3.37
CA LEU A 232 -17.65 13.34 -2.93
C LEU A 232 -16.13 13.29 -2.71
N MET A 233 -15.64 12.15 -2.24
CA MET A 233 -14.22 11.88 -2.02
C MET A 233 -13.37 11.93 -3.26
N GLU A 234 -13.94 11.55 -4.38
CA GLU A 234 -13.19 11.42 -5.60
C GLU A 234 -12.50 12.76 -5.99
N SER A 235 -13.17 13.88 -5.75
CA SER A 235 -12.59 15.24 -6.01
C SER A 235 -12.01 16.00 -4.78
N ALA A 236 -11.98 15.39 -3.59
CA ALA A 236 -11.54 16.07 -2.40
C ALA A 236 -10.00 16.31 -2.47
N GLY A 237 -9.50 17.04 -1.49
CA GLY A 237 -8.05 17.23 -1.31
C GLY A 237 -7.43 16.03 -0.64
N GLU A 238 -6.28 16.26 -0.01
CA GLU A 238 -5.51 15.15 0.57
C GLU A 238 -6.15 14.49 1.78
N THR A 239 -7.05 15.22 2.45
CA THR A 239 -7.68 14.86 3.68
C THR A 239 -9.20 14.95 3.60
N VAL A 240 -9.86 13.98 4.23
CA VAL A 240 -11.29 14.05 4.55
C VAL A 240 -11.37 13.99 6.07
N ASP A 241 -12.10 14.94 6.66
CA ASP A 241 -12.30 14.91 8.11
C ASP A 241 -13.49 13.98 8.46
N LEU A 242 -13.28 13.11 9.45
CA LEU A 242 -14.31 12.20 9.93
C LEU A 242 -14.69 12.50 11.38
N GLN A 243 -15.99 12.53 11.66
CA GLN A 243 -16.50 12.54 13.04
C GLN A 243 -17.51 11.42 13.24
N VAL A 244 -17.50 10.82 14.44
CA VAL A 244 -18.31 9.66 14.71
C VAL A 244 -18.99 9.82 16.09
N SER A 245 -20.19 9.27 16.20
CA SER A 245 -20.88 9.05 17.47
C SER A 245 -21.63 7.74 17.33
N PRO A 246 -22.23 7.23 18.42
CA PRO A 246 -23.05 6.02 18.23
C PRO A 246 -24.27 6.26 17.35
N GLN A 247 -24.70 7.49 17.16
CA GLN A 247 -25.87 7.81 16.32
C GLN A 247 -25.57 8.35 14.91
N LYS A 248 -24.38 8.91 14.71
CA LYS A 248 -24.10 9.73 13.53
C LYS A 248 -22.65 9.63 13.08
N VAL A 249 -22.47 9.94 11.80
CA VAL A 249 -21.14 10.04 11.20
C VAL A 249 -21.17 11.31 10.31
N ARG A 250 -20.04 11.96 10.19
CA ARG A 250 -19.93 13.15 9.38
C ARG A 250 -18.61 13.19 8.66
N PHE A 251 -18.68 13.45 7.37
CA PHE A 251 -17.54 13.57 6.49
C PHE A 251 -17.45 15.03 6.06
N GLU A 252 -16.30 15.66 6.27
CA GLU A 252 -16.09 17.02 5.79
C GLU A 252 -15.01 17.00 4.71
N PHE A 253 -15.36 17.47 3.52
CA PHE A 253 -14.50 17.36 2.36
C PHE A 253 -13.77 18.65 2.04
N GLY A 254 -14.15 19.75 2.68
CA GLY A 254 -13.74 21.12 2.31
C GLY A 254 -15.00 21.96 2.25
N ALA A 255 -15.44 22.30 1.04
CA ALA A 255 -16.67 23.09 0.89
C ALA A 255 -17.93 22.25 1.20
N ALA A 256 -17.85 20.94 0.93
CA ALA A 256 -18.97 20.01 1.12
C ALA A 256 -18.80 19.20 2.38
N ALA A 257 -19.93 18.85 2.99
CA ALA A 257 -19.99 17.95 4.11
C ALA A 257 -21.24 17.05 4.03
N LEU A 258 -21.11 15.84 4.56
CA LEU A 258 -22.16 14.84 4.59
C LEU A 258 -22.32 14.36 6.02
N THR A 259 -23.48 14.56 6.57
CA THR A 259 -23.80 14.15 7.92
C THR A 259 -24.89 13.10 7.85
N SER A 260 -24.70 11.97 8.49
CA SER A 260 -25.65 10.93 8.38
C SER A 260 -25.88 10.13 9.62
N LYS A 261 -27.11 9.69 9.79
CA LYS A 261 -27.40 8.62 10.77
C LYS A 261 -26.60 7.34 10.43
N VAL A 262 -26.33 6.54 11.45
CA VAL A 262 -25.78 5.22 11.33
C VAL A 262 -26.90 4.18 11.52
N ILE A 263 -26.64 2.96 11.13
CA ILE A 263 -27.65 1.90 11.25
C ILE A 263 -27.69 1.44 12.69
N ASP A 264 -28.88 1.57 13.31
CA ASP A 264 -29.08 1.13 14.69
C ASP A 264 -29.31 -0.39 14.70
N GLY A 265 -28.23 -1.13 14.82
CA GLY A 265 -28.29 -2.59 14.79
C GLY A 265 -26.96 -3.17 15.17
N ALA A 266 -26.94 -4.48 15.41
CA ALA A 266 -25.73 -5.19 15.79
C ALA A 266 -25.11 -5.78 14.54
N PHE A 267 -23.85 -5.47 14.30
CA PHE A 267 -23.13 -6.05 13.18
C PHE A 267 -22.64 -7.45 13.60
N PRO A 268 -22.66 -8.42 12.69
CA PRO A 268 -22.21 -9.75 13.12
C PRO A 268 -20.78 -9.83 13.67
N ASP A 269 -20.56 -10.87 14.47
CA ASP A 269 -19.25 -11.18 15.01
C ASP A 269 -18.41 -11.79 13.88
N TYR A 270 -17.83 -10.89 13.07
CA TYR A 270 -17.24 -11.30 11.79
C TYR A 270 -15.93 -12.10 11.93
N MET A 271 -15.22 -11.91 13.04
CA MET A 271 -13.99 -12.65 13.31
C MET A 271 -14.14 -14.17 13.38
N ARG A 272 -15.36 -14.61 13.63
CA ARG A 272 -15.77 -16.01 13.72
C ARG A 272 -15.93 -16.65 12.38
N VAL A 273 -16.20 -15.85 11.39
CA VAL A 273 -16.42 -16.32 9.99
C VAL A 273 -15.20 -16.17 9.07
N ILE A 274 -14.12 -15.58 9.57
CA ILE A 274 -12.88 -15.50 8.80
C ILE A 274 -11.99 -16.68 9.21
N PRO A 275 -11.71 -17.63 8.33
CA PRO A 275 -10.86 -18.78 8.71
C PRO A 275 -9.42 -18.45 8.97
N ARG A 276 -8.84 -18.98 10.03
CA ARG A 276 -7.46 -18.67 10.33
C ARG A 276 -6.45 -19.73 10.01
N ASP A 277 -6.87 -20.97 9.85
CA ASP A 277 -5.93 -22.08 9.74
C ASP A 277 -6.03 -22.83 8.43
N ASN A 278 -6.66 -22.24 7.39
CA ASN A 278 -6.72 -22.92 6.11
C ASN A 278 -5.31 -23.18 5.60
N ALA A 279 -5.02 -24.44 5.31
CA ALA A 279 -3.66 -24.92 5.06
C ALA A 279 -3.31 -25.24 3.64
N LYS A 280 -4.31 -25.35 2.77
CA LYS A 280 -4.03 -25.63 1.38
C LYS A 280 -3.85 -24.30 0.69
N ILE A 281 -2.63 -23.99 0.26
CA ILE A 281 -2.27 -22.66 -0.23
C ILE A 281 -2.01 -22.67 -1.72
N LEU A 282 -2.79 -21.87 -2.46
CA LEU A 282 -2.76 -21.87 -3.90
C LEU A 282 -2.49 -20.43 -4.35
N THR A 283 -1.49 -20.24 -5.18
CA THR A 283 -1.17 -18.89 -5.73
C THR A 283 -1.39 -18.84 -7.21
N LEU A 284 -2.07 -17.80 -7.69
CA LEU A 284 -2.38 -17.72 -9.11
C LEU A 284 -2.24 -16.32 -9.69
N ASP A 285 -2.18 -16.26 -11.02
CA ASP A 285 -2.13 -15.02 -11.79
C ASP A 285 -3.57 -14.51 -11.84
N ASN A 286 -3.82 -13.45 -11.07
CA ASN A 286 -5.14 -12.93 -10.81
C ASN A 286 -5.89 -12.50 -12.09
N ASP A 287 -5.22 -11.76 -12.94
CA ASP A 287 -5.84 -11.27 -14.19
C ASP A 287 -6.20 -12.43 -15.12
N LEU A 288 -5.24 -13.32 -15.35
CA LEU A 288 -5.48 -14.53 -16.15
C LEU A 288 -6.64 -15.34 -15.63
N PHE A 289 -6.64 -15.56 -14.33
CA PHE A 289 -7.67 -16.36 -13.70
C PHE A 289 -9.04 -15.69 -13.81
N ALA A 290 -9.10 -14.41 -13.48
CA ALA A 290 -10.38 -13.69 -13.55
C ALA A 290 -10.94 -13.69 -15.02
N LYS A 291 -10.04 -13.55 -15.98
CA LYS A 291 -10.43 -13.60 -17.40
C LYS A 291 -10.97 -14.97 -17.77
N ALA A 292 -10.33 -16.03 -17.26
CA ALA A 292 -10.82 -17.40 -17.45
C ALA A 292 -12.21 -17.63 -16.88
N VAL A 293 -12.40 -17.23 -15.63
CA VAL A 293 -13.69 -17.35 -14.94
C VAL A 293 -14.79 -16.61 -15.72
N ASP A 294 -14.50 -15.38 -16.11
CA ASP A 294 -15.45 -14.53 -16.83
C ASP A 294 -15.77 -15.15 -18.20
N ARG A 295 -14.75 -15.69 -18.83
CA ARG A 295 -14.89 -16.37 -20.08
C ARG A 295 -15.81 -17.56 -19.93
N VAL A 296 -15.48 -18.48 -19.04
CA VAL A 296 -16.34 -19.66 -18.89
C VAL A 296 -17.74 -19.35 -18.39
N ALA A 297 -17.89 -18.30 -17.55
CA ALA A 297 -19.22 -17.93 -17.06
C ALA A 297 -20.15 -17.49 -18.19
N THR A 298 -19.56 -17.03 -19.30
CA THR A 298 -20.27 -16.48 -20.44
C THR A 298 -21.12 -17.54 -21.15
N ILE A 299 -20.91 -18.82 -20.85
CA ILE A 299 -21.83 -19.89 -21.28
C ILE A 299 -23.26 -19.66 -20.77
N SER A 300 -23.41 -18.91 -19.69
CA SER A 300 -24.71 -18.75 -19.01
C SER A 300 -25.08 -17.28 -18.88
N ALA A 301 -26.38 -16.99 -19.08
CA ALA A 301 -26.97 -15.66 -18.83
C ALA A 301 -27.73 -15.58 -17.51
N GLU A 302 -27.65 -16.64 -16.68
CA GLU A 302 -28.31 -16.66 -15.38
C GLU A 302 -27.75 -15.65 -14.40
N LYS A 303 -28.54 -15.37 -13.36
CA LYS A 303 -28.18 -14.44 -12.31
C LYS A 303 -27.06 -15.01 -11.45
N SER A 304 -27.31 -16.13 -10.78
CA SER A 304 -26.39 -16.73 -9.80
C SER A 304 -25.52 -17.84 -10.38
N ARG A 305 -24.74 -17.50 -11.40
CA ARG A 305 -23.94 -18.47 -12.14
C ARG A 305 -22.86 -19.05 -11.21
N SER A 306 -22.81 -20.37 -11.11
CA SER A 306 -21.80 -21.12 -10.34
C SER A 306 -20.63 -21.53 -11.23
N VAL A 307 -19.43 -21.58 -10.67
CA VAL A 307 -18.27 -22.14 -11.36
C VAL A 307 -17.63 -23.21 -10.46
N LYS A 308 -17.20 -24.32 -11.09
CA LYS A 308 -16.53 -25.42 -10.39
C LYS A 308 -15.07 -25.28 -10.60
N LEU A 309 -14.30 -25.34 -9.52
CA LEU A 309 -12.82 -25.33 -9.59
C LEU A 309 -12.38 -26.74 -9.28
N ALA A 310 -11.78 -27.43 -10.25
CA ALA A 310 -11.15 -28.73 -9.99
C ALA A 310 -9.65 -28.47 -9.85
N VAL A 311 -9.19 -28.56 -8.59
CA VAL A 311 -7.85 -28.16 -8.23
C VAL A 311 -6.99 -29.41 -8.16
N GLU A 312 -5.82 -29.33 -8.76
CA GLU A 312 -4.83 -30.38 -8.66
C GLU A 312 -3.47 -29.72 -8.60
N PRO A 313 -2.41 -30.50 -8.27
CA PRO A 313 -1.08 -29.92 -8.36
C PRO A 313 -0.82 -29.20 -9.69
N GLY A 314 -0.44 -27.91 -9.61
CA GLY A 314 -0.08 -27.15 -10.79
C GLY A 314 -1.22 -26.60 -11.65
N ARG A 315 -2.46 -26.94 -11.34
CA ARG A 315 -3.56 -26.52 -12.16
C ARG A 315 -4.95 -26.45 -11.56
N ILE A 316 -5.76 -25.59 -12.14
CA ILE A 316 -7.14 -25.50 -11.80
C ILE A 316 -7.91 -25.62 -13.09
N THR A 317 -8.83 -26.55 -13.16
CA THR A 317 -9.79 -26.64 -14.27
C THR A 317 -11.13 -26.03 -13.85
N LEU A 318 -11.56 -25.02 -14.61
CA LEU A 318 -12.80 -24.31 -14.37
C LEU A 318 -13.90 -24.83 -15.29
N THR A 319 -15.06 -25.10 -14.71
CA THR A 319 -16.22 -25.56 -15.48
C THR A 319 -17.43 -24.78 -15.09
N VAL A 320 -18.16 -24.28 -16.11
CA VAL A 320 -19.50 -23.69 -15.92
C VAL A 320 -20.46 -24.42 -16.88
N ARG A 321 -21.68 -24.63 -16.41
CA ARG A 321 -22.77 -25.16 -17.23
C ARG A 321 -23.96 -24.19 -17.21
N ASN A 322 -24.76 -24.22 -18.27
CA ASN A 322 -26.05 -23.52 -18.27
C ASN A 322 -27.16 -24.56 -18.18
N MET A 323 -28.40 -24.10 -18.17
CA MET A 323 -29.59 -24.99 -18.10
C MET A 323 -29.94 -25.69 -19.43
N GLU A 324 -29.35 -25.19 -20.53
CA GLU A 324 -29.60 -25.67 -21.90
C GLU A 324 -28.43 -26.50 -22.49
N ALA A 325 -27.91 -27.45 -21.72
CA ALA A 325 -26.87 -28.41 -22.15
C ALA A 325 -25.54 -27.79 -22.69
N GLY A 326 -25.30 -26.52 -22.35
CA GLY A 326 -24.09 -25.85 -22.76
C GLY A 326 -23.06 -26.06 -21.65
N GLN A 327 -21.81 -26.17 -22.04
CA GLN A 327 -20.71 -26.37 -21.11
C GLN A 327 -19.52 -25.56 -21.52
N ALA A 328 -18.79 -25.02 -20.54
CA ALA A 328 -17.53 -24.29 -20.78
C ALA A 328 -16.46 -24.79 -19.82
N VAL A 329 -15.26 -24.99 -20.34
CA VAL A 329 -14.14 -25.53 -19.56
C VAL A 329 -12.88 -24.77 -19.94
N GLU A 330 -12.10 -24.37 -18.93
CA GLU A 330 -10.80 -23.78 -19.13
C GLU A 330 -9.79 -24.21 -18.05
N GLU A 331 -8.57 -24.50 -18.50
CA GLU A 331 -7.46 -24.86 -17.61
C GLU A 331 -6.59 -23.64 -17.36
N VAL A 332 -6.26 -23.41 -16.09
CA VAL A 332 -5.38 -22.33 -15.68
C VAL A 332 -4.24 -22.95 -14.86
N GLU A 333 -3.01 -22.76 -15.29
CA GLU A 333 -1.85 -23.18 -14.47
C GLU A 333 -1.73 -22.27 -13.24
N VAL A 334 -1.45 -22.89 -12.11
CA VAL A 334 -1.34 -22.23 -10.83
C VAL A 334 -0.17 -22.86 -10.00
N ASP A 335 0.19 -22.19 -8.93
CA ASP A 335 1.16 -22.72 -7.95
C ASP A 335 0.43 -23.43 -6.81
N TYR A 336 0.43 -24.76 -6.85
CA TYR A 336 -0.21 -25.55 -5.79
C TYR A 336 0.40 -26.95 -5.81
N ASP A 337 0.81 -27.47 -4.67
CA ASP A 337 1.42 -28.79 -4.61
C ASP A 337 0.72 -29.74 -3.65
N GLY A 338 -0.47 -29.35 -3.20
CA GLY A 338 -1.24 -30.15 -2.30
C GLY A 338 -2.11 -31.20 -2.99
N GLU A 339 -3.00 -31.77 -2.20
CA GLU A 339 -3.92 -32.81 -2.63
C GLU A 339 -5.12 -32.25 -3.42
N PRO A 340 -5.58 -32.98 -4.45
CA PRO A 340 -6.65 -32.47 -5.32
C PRO A 340 -8.01 -32.48 -4.66
N PHE A 341 -8.89 -31.62 -5.18
CA PHE A 341 -10.23 -31.46 -4.66
C PHE A 341 -11.04 -30.62 -5.65
N GLU A 342 -12.36 -30.64 -5.48
CA GLU A 342 -13.26 -29.81 -6.26
C GLU A 342 -14.00 -28.91 -5.29
N ILE A 343 -14.23 -27.68 -5.74
CA ILE A 343 -14.96 -26.70 -4.98
C ILE A 343 -15.75 -25.77 -5.92
N GLY A 344 -16.94 -25.37 -5.49
CA GLY A 344 -17.80 -24.46 -6.26
C GLY A 344 -17.95 -23.06 -5.64
N PHE A 345 -17.95 -22.04 -6.48
CA PHE A 345 -18.25 -20.68 -6.04
C PHE A 345 -19.22 -19.99 -7.00
N ASN A 346 -19.99 -19.08 -6.45
CA ASN A 346 -20.72 -18.08 -7.24
C ASN A 346 -19.68 -17.29 -8.06
N ALA A 347 -19.80 -17.31 -9.38
CA ALA A 347 -18.80 -16.67 -10.26
C ALA A 347 -18.66 -15.16 -10.01
N ARG A 348 -19.78 -14.46 -9.78
CA ARG A 348 -19.75 -13.02 -9.51
C ARG A 348 -19.01 -12.71 -8.21
N TYR A 349 -19.24 -13.51 -7.15
CA TYR A 349 -18.55 -13.33 -5.88
C TYR A 349 -17.06 -13.51 -6.04
N LEU A 350 -16.67 -14.51 -6.80
CA LEU A 350 -15.26 -14.73 -7.13
C LEU A 350 -14.64 -13.58 -7.89
N LEU A 351 -15.37 -13.15 -8.94
CA LEU A 351 -14.90 -12.05 -9.76
C LEU A 351 -14.78 -10.71 -9.01
N ASP A 352 -15.69 -10.45 -8.07
CA ASP A 352 -15.66 -9.30 -7.20
C ASP A 352 -14.32 -9.25 -6.41
N VAL A 353 -13.92 -10.39 -5.85
CA VAL A 353 -12.64 -10.47 -5.12
C VAL A 353 -11.50 -10.17 -6.06
N CYS A 354 -11.47 -10.87 -7.19
CA CYS A 354 -10.37 -10.69 -8.17
C CYS A 354 -10.24 -9.25 -8.62
N GLY A 355 -11.36 -8.53 -8.77
CA GLY A 355 -11.34 -7.13 -9.18
C GLY A 355 -10.71 -6.17 -8.17
N GLN A 356 -10.55 -6.60 -6.91
CA GLN A 356 -9.96 -5.79 -5.87
C GLN A 356 -8.52 -6.16 -5.55
N ILE A 357 -8.03 -7.28 -6.06
CA ILE A 357 -6.63 -7.69 -5.87
C ILE A 357 -5.71 -6.66 -6.53
N ALA A 358 -4.71 -6.21 -5.79
CA ALA A 358 -3.98 -5.00 -6.16
C ALA A 358 -2.83 -5.27 -7.14
N GLY A 359 -2.32 -6.50 -7.17
CA GLY A 359 -1.11 -6.82 -7.92
C GLY A 359 -1.36 -8.04 -8.76
N PRO A 360 -0.28 -8.63 -9.32
CA PRO A 360 -0.48 -9.70 -10.30
C PRO A 360 -0.93 -11.04 -9.70
N GLN A 361 -0.65 -11.25 -8.42
CA GLN A 361 -1.00 -12.52 -7.76
C GLN A 361 -2.13 -12.42 -6.80
N ALA A 362 -2.87 -13.53 -6.65
CA ALA A 362 -3.82 -13.72 -5.60
C ALA A 362 -3.50 -15.05 -4.93
N GLU A 363 -3.68 -15.10 -3.63
CA GLU A 363 -3.39 -16.30 -2.84
C GLU A 363 -4.67 -16.81 -2.25
N PHE A 364 -5.07 -18.04 -2.63
CA PHE A 364 -6.25 -18.69 -2.05
C PHE A 364 -5.81 -19.64 -0.94
N ARG A 365 -6.50 -19.61 0.20
CA ARG A 365 -6.27 -20.59 1.25
C ARG A 365 -7.54 -21.41 1.45
N PHE A 366 -7.45 -22.70 1.16
CA PHE A 366 -8.56 -23.62 1.28
C PHE A 366 -8.36 -24.54 2.48
N ALA A 367 -9.47 -25.04 3.01
CA ALA A 367 -9.46 -26.19 3.92
C ALA A 367 -10.06 -27.36 3.12
N ASP A 368 -11.33 -27.65 3.26
CA ASP A 368 -12.01 -28.71 2.52
C ASP A 368 -13.13 -28.06 1.69
N PRO A 369 -13.79 -28.83 0.80
CA PRO A 369 -14.80 -28.25 -0.10
C PRO A 369 -16.03 -27.61 0.51
N ALA A 370 -16.35 -27.95 1.74
CA ALA A 370 -17.45 -27.31 2.45
C ALA A 370 -17.02 -26.12 3.34
N SER A 371 -15.73 -25.77 3.33
CA SER A 371 -15.21 -24.80 4.28
C SER A 371 -15.08 -23.42 3.63
N PRO A 372 -15.29 -22.34 4.43
CA PRO A 372 -14.99 -21.01 3.92
C PRO A 372 -13.57 -20.90 3.42
N THR A 373 -13.40 -20.18 2.32
CA THR A 373 -12.14 -20.04 1.68
C THR A 373 -11.64 -18.59 1.90
N LEU A 374 -10.33 -18.44 2.14
CA LEU A 374 -9.71 -17.11 2.35
C LEU A 374 -8.96 -16.64 1.12
N VAL A 375 -9.03 -15.35 0.79
CA VAL A 375 -8.20 -14.83 -0.26
C VAL A 375 -7.35 -13.71 0.33
N VAL A 376 -6.08 -13.77 0.02
CA VAL A 376 -5.04 -12.86 0.53
C VAL A 376 -4.38 -12.20 -0.64
N ASP A 377 -3.97 -10.96 -0.45
CA ASP A 377 -3.33 -10.17 -1.48
C ASP A 377 -1.83 -10.03 -1.11
N PRO A 378 -0.94 -10.69 -1.85
CA PRO A 378 0.51 -10.57 -1.56
C PRO A 378 1.08 -9.12 -1.53
N VAL A 379 0.49 -8.22 -2.30
CA VAL A 379 0.84 -6.81 -2.30
C VAL A 379 0.34 -6.05 -1.08
N ASP A 380 -0.77 -6.49 -0.49
CA ASP A 380 -1.49 -5.70 0.50
C ASP A 380 -1.99 -6.58 1.65
N PRO A 381 -1.21 -6.67 2.72
CA PRO A 381 -1.63 -7.52 3.84
C PRO A 381 -2.83 -7.01 4.61
N GLY A 382 -3.25 -5.76 4.37
CA GLY A 382 -4.37 -5.16 5.05
C GLY A 382 -5.76 -5.44 4.51
N VAL A 383 -5.89 -6.39 3.58
CA VAL A 383 -7.22 -6.82 3.11
C VAL A 383 -7.37 -8.32 3.30
N LYS A 384 -8.60 -8.77 3.51
CA LYS A 384 -8.92 -10.18 3.69
C LYS A 384 -10.32 -10.48 3.13
N TYR A 385 -10.41 -11.42 2.18
CA TYR A 385 -11.71 -11.77 1.58
C TYR A 385 -12.08 -13.22 1.92
N VAL A 386 -13.37 -13.46 2.15
CA VAL A 386 -13.90 -14.80 2.42
C VAL A 386 -14.94 -15.14 1.40
N LEU A 387 -14.81 -16.34 0.82
CA LEU A 387 -15.79 -16.89 -0.11
C LEU A 387 -16.38 -18.16 0.48
N MET A 388 -17.70 -18.34 0.32
CA MET A 388 -18.39 -19.48 0.89
C MET A 388 -18.65 -20.45 -0.27
N PRO A 389 -18.27 -21.70 -0.12
CA PRO A 389 -18.44 -22.65 -1.22
C PRO A 389 -19.88 -23.09 -1.43
N LEU A 390 -20.17 -23.49 -2.66
CA LEU A 390 -21.46 -24.03 -3.07
C LEU A 390 -21.32 -25.55 -3.18
N ARG A 391 -22.39 -26.25 -2.86
CA ARG A 391 -22.44 -27.71 -3.01
C ARG A 391 -22.36 -28.04 -4.51
N VAL A 392 -21.39 -28.89 -4.85
CA VAL A 392 -21.07 -29.26 -6.24
C VAL A 392 -21.47 -30.72 -6.50
N GLY B 19 33.62 -29.94 26.64
CA GLY B 19 35.07 -29.82 26.27
C GLY B 19 35.73 -28.66 26.97
N SER B 20 36.62 -27.98 26.24
CA SER B 20 37.36 -26.82 26.76
C SER B 20 38.01 -26.04 25.63
N MET B 21 38.42 -24.81 25.94
CA MET B 21 38.97 -23.88 24.95
C MET B 21 39.84 -22.88 25.69
N LYS B 22 40.95 -22.47 25.10
CA LYS B 22 41.84 -21.50 25.73
C LYS B 22 42.59 -20.71 24.69
N LEU B 23 42.38 -19.41 24.65
CA LEU B 23 43.03 -18.57 23.64
C LEU B 23 43.16 -17.15 24.06
N THR B 24 43.98 -16.39 23.36
CA THR B 24 43.95 -14.95 23.40
C THR B 24 43.76 -14.42 22.00
N ILE B 25 43.17 -13.25 21.90
CA ILE B 25 42.95 -12.56 20.64
C ILE B 25 43.05 -11.09 20.93
N GLU B 26 43.64 -10.33 20.03
CA GLU B 26 43.73 -8.89 20.19
C GLU B 26 42.29 -8.32 20.31
N ARG B 27 42.12 -7.36 21.24
CA ARG B 27 40.81 -6.78 21.53
C ARG B 27 40.17 -6.21 20.25
N ALA B 28 40.92 -5.42 19.47
CA ALA B 28 40.35 -4.78 18.26
C ALA B 28 39.88 -5.80 17.21
N ALA B 29 40.61 -6.90 17.09
CA ALA B 29 40.22 -7.96 16.17
C ALA B 29 39.01 -8.77 16.68
N LEU B 30 38.98 -9.03 17.96
CA LEU B 30 37.83 -9.70 18.55
C LEU B 30 36.58 -8.81 18.37
N LEU B 31 36.73 -7.52 18.69
CA LEU B 31 35.64 -6.55 18.57
C LEU B 31 35.15 -6.43 17.13
N LYS B 32 36.08 -6.43 16.18
CA LYS B 32 35.70 -6.31 14.76
C LYS B 32 34.83 -7.50 14.27
N ALA B 33 35.27 -8.73 14.58
CA ALA B 33 34.55 -9.91 14.18
C ALA B 33 33.18 -10.02 14.90
N LEU B 34 33.14 -9.71 16.20
CA LEU B 34 31.87 -9.71 16.95
C LEU B 34 30.88 -8.73 16.33
N GLY B 35 31.36 -7.51 16.03
CA GLY B 35 30.59 -6.49 15.35
C GLY B 35 30.01 -6.92 14.00
N HIS B 36 30.79 -7.65 13.22
CA HIS B 36 30.35 -8.11 11.91
C HIS B 36 29.23 -9.15 12.04
N VAL B 37 29.42 -10.16 12.90
CA VAL B 37 28.40 -11.20 13.03
C VAL B 37 27.18 -10.80 13.88
N GLN B 38 27.36 -9.89 14.84
CA GLN B 38 26.26 -9.61 15.76
C GLN B 38 25.02 -8.97 15.12
N SER B 39 25.20 -8.29 13.98
CA SER B 39 24.13 -7.56 13.30
C SER B 39 22.86 -8.40 12.98
N VAL B 40 23.04 -9.70 12.74
CA VAL B 40 21.92 -10.58 12.42
C VAL B 40 21.03 -10.90 13.62
N VAL B 41 21.58 -10.77 14.82
CA VAL B 41 20.97 -11.24 16.06
C VAL B 41 19.90 -10.26 16.51
N GLU B 42 18.65 -10.74 16.56
CA GLU B 42 17.51 -9.95 17.03
C GLU B 42 17.63 -9.72 18.55
N ARG B 43 17.24 -8.54 19.02
CA ARG B 43 17.44 -8.13 20.44
C ARG B 43 16.77 -9.05 21.49
N ARG B 44 15.67 -9.70 21.13
CA ARG B 44 15.02 -10.73 21.93
C ARG B 44 14.79 -11.97 21.07
N ASN B 45 14.79 -13.15 21.70
CA ASN B 45 14.53 -14.42 21.01
C ASN B 45 13.83 -15.42 21.91
N THR B 46 12.83 -16.10 21.36
CA THR B 46 12.15 -17.21 22.05
C THR B 46 12.99 -18.51 22.00
N ILE B 47 13.84 -18.64 20.97
CA ILE B 47 14.82 -19.72 20.90
C ILE B 47 16.15 -19.17 21.50
N PRO B 48 16.47 -19.53 22.77
CA PRO B 48 17.60 -18.87 23.45
C PRO B 48 18.95 -18.92 22.70
N ILE B 49 19.26 -20.03 22.02
CA ILE B 49 20.56 -20.15 21.34
C ILE B 49 20.72 -19.18 20.17
N LEU B 50 19.60 -18.66 19.63
CA LEU B 50 19.68 -17.64 18.59
C LEU B 50 20.23 -16.31 19.07
N SER B 51 20.26 -16.10 20.39
CA SER B 51 20.86 -14.93 20.99
C SER B 51 22.40 -15.05 21.12
N ASN B 52 22.96 -16.19 20.75
CA ASN B 52 24.37 -16.46 21.01
C ASN B 52 25.20 -16.46 19.73
N ILE B 53 26.49 -16.21 19.93
CA ILE B 53 27.51 -16.34 18.89
C ILE B 53 28.24 -17.67 19.09
N LEU B 54 28.41 -18.42 18.01
CA LEU B 54 29.25 -19.64 18.04
C LEU B 54 30.71 -19.24 17.89
N LEU B 55 31.50 -19.60 18.90
CA LEU B 55 32.93 -19.34 18.87
C LEU B 55 33.64 -20.67 18.57
N SER B 56 34.46 -20.68 17.53
CA SER B 56 35.15 -21.92 17.09
C SER B 56 36.63 -21.66 16.88
N ALA B 57 37.44 -22.21 17.79
CA ALA B 57 38.89 -21.96 17.81
C ALA B 57 39.69 -23.19 17.32
N GLU B 58 40.43 -23.01 16.23
CA GLU B 58 41.43 -24.01 15.77
C GLU B 58 42.53 -23.34 14.97
N GLY B 59 43.74 -23.90 15.06
CA GLY B 59 44.90 -23.34 14.35
C GLY B 59 45.32 -22.04 14.99
N ASP B 60 45.40 -21.00 14.18
CA ASP B 60 45.54 -19.63 14.66
C ASP B 60 44.32 -18.81 14.22
N ARG B 61 43.16 -19.46 14.19
CA ARG B 61 41.90 -18.83 13.74
C ARG B 61 40.78 -18.97 14.78
N LEU B 62 40.20 -17.84 15.18
CA LEU B 62 38.93 -17.88 15.91
C LEU B 62 37.84 -17.57 14.91
N SER B 63 36.92 -18.52 14.73
CA SER B 63 35.77 -18.33 13.83
C SER B 63 34.53 -17.96 14.63
N PHE B 64 33.68 -17.12 14.05
CA PHE B 64 32.50 -16.56 14.72
C PHE B 64 31.29 -16.84 13.84
N SER B 65 30.15 -17.26 14.42
CA SER B 65 28.91 -17.46 13.64
C SER B 65 27.70 -16.93 14.43
N ALA B 66 26.75 -16.33 13.72
CA ALA B 66 25.49 -15.91 14.33
C ALA B 66 24.40 -16.10 13.28
N THR B 67 23.16 -16.28 13.73
CA THR B 67 22.08 -16.57 12.81
C THR B 67 20.73 -16.18 13.38
N ASP B 68 19.79 -15.90 12.49
CA ASP B 68 18.37 -15.79 12.88
C ASP B 68 17.53 -16.90 12.21
N LEU B 69 18.18 -17.99 11.77
CA LEU B 69 17.61 -19.10 10.96
C LEU B 69 17.30 -18.83 9.50
N ASP B 70 17.09 -17.57 9.16
CA ASP B 70 16.94 -17.15 7.78
C ASP B 70 18.28 -16.84 7.16
N MET B 71 19.22 -16.34 7.96
CA MET B 71 20.55 -16.08 7.45
C MET B 71 21.61 -16.31 8.52
N GLU B 72 22.83 -16.56 8.06
CA GLU B 72 24.01 -16.83 8.93
C GLU B 72 25.12 -15.89 8.51
N ILE B 73 25.72 -15.19 9.47
CA ILE B 73 26.91 -14.41 9.21
C ILE B 73 28.05 -15.11 9.92
N ILE B 74 29.18 -15.25 9.22
CA ILE B 74 30.39 -15.87 9.81
C ILE B 74 31.53 -14.92 9.56
N ASP B 75 32.52 -14.99 10.43
CA ASP B 75 33.73 -14.19 10.30
C ASP B 75 34.83 -14.91 11.04
N GLU B 76 36.05 -14.43 10.86
CA GLU B 76 37.17 -15.01 11.59
C GLU B 76 38.20 -13.96 11.88
N GLY B 77 39.02 -14.25 12.89
CA GLY B 77 40.13 -13.40 13.26
C GLY B 77 41.31 -14.25 13.69
N PHE B 78 42.51 -13.70 13.54
CA PHE B 78 43.73 -14.32 14.07
C PHE B 78 43.63 -14.41 15.61
N ALA B 79 43.92 -15.58 16.16
CA ALA B 79 44.09 -15.74 17.60
C ALA B 79 45.34 -16.57 17.91
N GLN B 80 45.87 -16.40 19.12
CA GLN B 80 46.86 -17.30 19.71
C GLN B 80 46.12 -18.36 20.51
N ILE B 81 45.95 -19.52 19.89
CA ILE B 81 45.14 -20.57 20.45
C ILE B 81 46.01 -21.57 21.20
N ASP B 82 45.79 -21.65 22.52
CA ASP B 82 46.47 -22.60 23.38
C ASP B 82 45.75 -23.95 23.41
N VAL B 83 44.42 -23.94 23.56
CA VAL B 83 43.58 -25.17 23.56
C VAL B 83 42.39 -24.95 22.57
N PRO B 84 42.22 -25.84 21.58
CA PRO B 84 41.13 -25.60 20.65
C PRO B 84 39.81 -26.06 21.23
N GLY B 85 38.71 -25.50 20.73
CA GLY B 85 37.38 -25.95 21.11
C GLY B 85 36.29 -24.99 20.64
N GLN B 86 35.09 -25.24 21.12
CA GLN B 86 33.90 -24.56 20.65
C GLN B 86 32.93 -24.34 21.76
N ILE B 87 32.25 -23.18 21.70
CA ILE B 87 31.19 -22.86 22.66
C ILE B 87 30.32 -21.73 22.07
N THR B 88 29.15 -21.53 22.65
CA THR B 88 28.28 -20.39 22.28
C THR B 88 28.08 -19.52 23.51
N ALA B 89 28.01 -18.21 23.29
CA ALA B 89 27.83 -17.27 24.36
C ALA B 89 26.98 -16.09 23.87
N PRO B 90 26.34 -15.34 24.79
CA PRO B 90 25.40 -14.28 24.38
C PRO B 90 26.08 -13.20 23.53
N ALA B 91 25.56 -12.98 22.33
CA ALA B 91 26.20 -12.10 21.35
C ALA B 91 26.35 -10.64 21.80
N HIS B 92 25.23 -10.01 22.17
CA HIS B 92 25.26 -8.59 22.53
C HIS B 92 26.08 -8.31 23.78
N THR B 93 25.95 -9.17 24.79
CA THR B 93 26.68 -8.96 26.04
C THR B 93 28.21 -9.12 25.77
N LEU B 94 28.58 -10.10 24.99
CA LEU B 94 30.03 -10.33 24.68
C LEU B 94 30.62 -9.12 23.93
N TYR B 95 29.88 -8.59 22.95
CA TYR B 95 30.32 -7.44 22.19
C TYR B 95 30.54 -6.25 23.12
N GLU B 96 29.54 -5.98 23.97
CA GLU B 96 29.64 -4.90 24.90
C GLU B 96 30.78 -5.03 25.91
N ILE B 97 31.00 -6.24 26.42
CA ILE B 97 32.14 -6.45 27.34
C ILE B 97 33.48 -6.09 26.62
N VAL B 98 33.64 -6.65 25.45
CA VAL B 98 34.92 -6.52 24.69
C VAL B 98 35.16 -5.07 24.35
N ARG B 99 34.10 -4.38 23.94
CA ARG B 99 34.21 -2.96 23.61
C ARG B 99 34.78 -2.15 24.75
N LYS B 100 34.41 -2.51 25.99
CA LYS B 100 34.84 -1.78 27.16
C LYS B 100 36.17 -2.25 27.76
N LEU B 101 36.68 -3.37 27.30
CA LEU B 101 38.02 -3.83 27.77
C LEU B 101 39.11 -2.83 27.35
N PRO B 102 40.21 -2.73 28.12
CA PRO B 102 41.23 -1.73 27.81
C PRO B 102 41.82 -1.86 26.39
N ASP B 103 42.09 -0.72 25.77
CA ASP B 103 42.66 -0.68 24.43
C ASP B 103 44.00 -1.37 24.40
N GLY B 104 44.24 -2.11 23.34
CA GLY B 104 45.49 -2.80 23.11
C GLY B 104 45.69 -4.08 23.88
N ALA B 105 44.72 -4.50 24.66
CA ALA B 105 44.85 -5.74 25.39
C ALA B 105 44.64 -6.94 24.51
N ASP B 106 45.26 -8.05 24.86
CA ASP B 106 45.03 -9.31 24.23
C ASP B 106 43.99 -9.90 25.18
N VAL B 107 42.89 -10.39 24.66
CA VAL B 107 41.78 -10.87 25.50
C VAL B 107 41.83 -12.35 25.61
N SER B 108 41.84 -12.86 26.84
CA SER B 108 41.80 -14.28 27.10
C SER B 108 40.32 -14.76 27.12
N LEU B 109 40.04 -15.78 26.33
CA LEU B 109 38.78 -16.48 26.33
C LEU B 109 39.11 -17.91 26.68
N SER B 110 38.44 -18.42 27.70
CA SER B 110 38.65 -19.79 28.16
C SER B 110 37.41 -20.39 28.80
N PHE B 111 37.43 -21.72 28.86
CA PHE B 111 36.27 -22.51 29.23
C PHE B 111 36.75 -23.91 29.61
N SER B 112 36.26 -24.47 30.71
CA SER B 112 36.55 -25.90 31.06
C SER B 112 35.54 -26.51 32.03
N ASP B 115 33.32 -23.94 36.96
CA ASP B 115 32.02 -23.69 36.36
C ASP B 115 32.07 -23.84 34.84
N PRO B 116 30.91 -24.04 34.22
CA PRO B 116 30.82 -24.21 32.77
C PRO B 116 30.48 -22.91 32.07
N ARG B 117 31.05 -21.80 32.55
CA ARG B 117 30.79 -20.46 31.95
C ARG B 117 32.01 -20.02 31.14
N LEU B 118 31.78 -19.24 30.08
CA LEU B 118 32.90 -18.67 29.31
C LEU B 118 33.56 -17.59 30.16
N VAL B 119 34.88 -17.66 30.29
CA VAL B 119 35.64 -16.71 31.07
C VAL B 119 36.35 -15.70 30.16
N ILE B 120 36.05 -14.43 30.32
CA ILE B 120 36.64 -13.38 29.53
C ILE B 120 37.52 -12.55 30.41
N GLN B 121 38.80 -12.45 30.06
CA GLN B 121 39.71 -11.70 30.90
C GLN B 121 40.73 -10.83 30.19
N ALA B 122 40.84 -9.60 30.68
CA ALA B 122 41.79 -8.61 30.18
C ALA B 122 41.94 -7.54 31.24
N GLY B 123 43.11 -6.90 31.28
CA GLY B 123 43.40 -5.93 32.33
C GLY B 123 43.17 -6.55 33.73
N ARG B 124 42.46 -5.85 34.59
CA ARG B 124 42.16 -6.38 35.93
C ARG B 124 40.67 -6.83 36.09
N SER B 125 40.00 -7.09 34.97
CA SER B 125 38.62 -7.59 35.04
C SER B 125 38.49 -8.99 34.50
N ARG B 126 37.48 -9.69 35.03
CA ARG B 126 37.14 -11.02 34.62
C ARG B 126 35.61 -11.16 34.56
N PHE B 127 35.12 -11.69 33.46
CA PHE B 127 33.69 -11.93 33.24
C PHE B 127 33.46 -13.43 33.07
N ASN B 128 32.34 -13.90 33.62
CA ASN B 128 31.85 -15.24 33.35
C ASN B 128 30.51 -15.11 32.67
N LEU B 129 30.36 -15.70 31.50
CA LEU B 129 29.09 -15.68 30.78
C LEU B 129 28.46 -17.07 30.71
N PRO B 130 27.14 -17.18 30.94
CA PRO B 130 26.51 -18.48 30.66
C PRO B 130 26.61 -18.86 29.17
N VAL B 131 26.70 -20.16 28.94
CA VAL B 131 26.91 -20.71 27.61
C VAL B 131 25.82 -21.73 27.27
N LEU B 132 25.70 -21.99 25.99
CA LEU B 132 24.95 -23.13 25.49
C LEU B 132 25.88 -23.91 24.57
N PRO B 133 25.73 -25.26 24.51
CA PRO B 133 26.74 -26.08 23.82
C PRO B 133 26.78 -25.88 22.30
N ALA B 134 27.98 -25.89 21.74
CA ALA B 134 28.20 -25.68 20.31
C ALA B 134 27.37 -26.62 19.45
N GLY B 135 27.16 -27.85 19.96
CA GLY B 135 26.32 -28.83 19.30
C GLY B 135 24.89 -28.41 19.04
N ASP B 136 24.34 -27.53 19.88
CA ASP B 136 22.99 -27.02 19.67
C ASP B 136 22.87 -25.87 18.67
N PHE B 137 23.98 -25.35 18.18
CA PHE B 137 23.94 -24.21 17.26
C PHE B 137 23.41 -24.58 15.87
N PRO B 138 22.52 -23.74 15.29
CA PRO B 138 21.94 -24.09 13.98
C PRO B 138 22.98 -24.24 12.89
N VAL B 139 22.74 -25.21 11.99
CA VAL B 139 23.58 -25.39 10.83
C VAL B 139 22.83 -24.86 9.66
N MET B 140 23.48 -24.02 8.88
CA MET B 140 22.93 -23.43 7.69
C MET B 140 23.56 -24.20 6.53
N SER B 141 22.77 -25.06 5.89
CA SER B 141 23.24 -25.83 4.73
C SER B 141 23.40 -24.91 3.52
N SER B 142 24.30 -25.29 2.62
CA SER B 142 24.50 -24.58 1.36
C SER B 142 24.86 -25.54 0.22
N ASP B 143 24.16 -26.66 0.15
CA ASP B 143 24.40 -27.65 -0.93
C ASP B 143 23.96 -27.11 -2.28
N GLY B 144 24.80 -27.31 -3.27
CA GLY B 144 24.41 -27.05 -4.66
C GLY B 144 24.52 -25.62 -5.13
N LEU B 145 25.45 -24.86 -4.52
CA LEU B 145 25.70 -23.49 -4.92
C LEU B 145 26.42 -23.46 -6.25
N SER B 146 26.14 -22.46 -7.07
CA SER B 146 26.95 -22.17 -8.23
C SER B 146 28.40 -21.99 -7.80
N SER B 147 29.30 -21.91 -8.76
CA SER B 147 30.66 -21.54 -8.41
C SER B 147 30.66 -20.03 -8.20
N ARG B 148 31.67 -19.54 -7.53
CA ARG B 148 31.78 -18.14 -7.17
C ARG B 148 31.91 -17.20 -8.36
N ILE B 149 31.14 -16.13 -8.30
CA ILE B 149 31.20 -15.07 -9.27
C ILE B 149 31.76 -13.86 -8.53
N ALA B 150 32.83 -13.28 -9.06
CA ALA B 150 33.45 -12.08 -8.49
C ALA B 150 32.76 -10.85 -9.05
N VAL B 151 32.26 -10.01 -8.14
CA VAL B 151 31.66 -8.78 -8.52
C VAL B 151 32.47 -7.67 -7.87
N ASP B 152 32.86 -6.72 -8.71
CA ASP B 152 33.48 -5.52 -8.25
C ASP B 152 32.61 -4.96 -7.11
N THR B 153 33.23 -4.66 -5.98
CA THR B 153 32.50 -4.21 -4.79
C THR B 153 31.61 -2.99 -5.08
N ASN B 154 32.19 -1.98 -5.73
CA ASN B 154 31.45 -0.78 -6.09
C ASN B 154 30.29 -1.05 -7.02
N GLU B 155 30.41 -2.04 -7.90
CA GLU B 155 29.30 -2.40 -8.82
C GLU B 155 28.17 -3.10 -8.08
N LEU B 156 28.53 -3.99 -7.16
CA LEU B 156 27.52 -4.66 -6.38
C LEU B 156 26.74 -3.65 -5.47
N ILE B 157 27.50 -2.77 -4.80
CA ILE B 157 26.95 -1.65 -4.05
C ILE B 157 25.97 -0.81 -4.89
N ARG B 158 26.38 -0.47 -6.11
CA ARG B 158 25.54 0.27 -7.01
C ARG B 158 24.22 -0.49 -7.32
N LEU B 159 24.29 -1.78 -7.63
CA LEU B 159 23.07 -2.54 -7.94
C LEU B 159 22.07 -2.43 -6.78
N ILE B 160 22.57 -2.57 -5.57
CA ILE B 160 21.76 -2.50 -4.37
C ILE B 160 21.25 -1.10 -4.09
N ASP B 161 22.13 -0.11 -4.07
CA ASP B 161 21.70 1.24 -3.71
C ASP B 161 20.71 1.82 -4.72
N LYS B 162 20.82 1.45 -5.99
CA LYS B 162 19.92 1.98 -7.01
C LYS B 162 18.50 1.45 -6.92
N THR B 163 18.30 0.36 -6.19
CA THR B 163 17.04 -0.37 -6.19
C THR B 163 16.41 -0.67 -4.82
N ARG B 164 17.22 -0.68 -3.77
CA ARG B 164 16.83 -1.19 -2.47
C ARG B 164 15.59 -0.50 -1.89
N PHE B 165 15.46 0.80 -2.13
CA PHE B 165 14.34 1.59 -1.57
C PHE B 165 12.98 1.07 -2.02
N ALA B 166 12.91 0.38 -3.17
CA ALA B 166 11.64 -0.15 -3.71
C ALA B 166 11.18 -1.50 -3.20
N ILE B 167 11.99 -2.17 -2.38
CA ILE B 167 11.60 -3.44 -1.82
C ILE B 167 10.50 -3.18 -0.80
N SER B 168 9.44 -3.96 -0.85
CA SER B 168 8.36 -3.86 0.13
C SER B 168 8.85 -4.04 1.55
N THR B 169 8.41 -3.16 2.47
CA THR B 169 8.72 -3.30 3.90
C THR B 169 7.67 -4.06 4.72
N GLU B 170 6.64 -4.58 4.07
CA GLU B 170 5.65 -5.41 4.79
C GLU B 170 6.32 -6.64 5.40
N GLU B 171 5.77 -7.11 6.51
CA GLU B 171 6.28 -8.29 7.23
C GLU B 171 5.79 -9.65 6.64
N THR B 172 6.10 -9.85 5.37
CA THR B 172 5.74 -11.03 4.64
C THR B 172 7.01 -11.45 3.91
N ARG B 173 6.99 -12.66 3.36
CA ARG B 173 8.06 -13.22 2.55
C ARG B 173 7.52 -13.66 1.17
N TYR B 174 6.87 -12.73 0.50
CA TYR B 174 6.59 -12.79 -0.91
C TYR B 174 7.66 -12.23 -1.78
N TYR B 175 7.49 -12.41 -3.10
CA TYR B 175 8.44 -11.95 -4.08
C TYR B 175 8.86 -10.48 -3.87
N LEU B 176 7.89 -9.64 -3.54
CA LEU B 176 8.13 -8.21 -3.34
C LEU B 176 8.95 -7.85 -2.11
N ASN B 177 9.13 -8.82 -1.21
CA ASN B 177 9.88 -8.60 -0.01
C ASN B 177 11.39 -8.93 -0.20
N GLY B 178 11.83 -8.99 -1.44
CA GLY B 178 13.21 -9.26 -1.76
C GLY B 178 13.68 -8.60 -3.03
N LEU B 179 14.98 -8.64 -3.29
CA LEU B 179 15.55 -8.08 -4.49
C LEU B 179 15.85 -9.23 -5.49
N TYR B 180 15.34 -9.08 -6.72
CA TYR B 180 15.46 -10.13 -7.71
C TYR B 180 16.73 -9.89 -8.51
N VAL B 181 17.75 -10.72 -8.23
CA VAL B 181 19.08 -10.61 -8.80
C VAL B 181 19.20 -11.73 -9.85
N HIS B 182 19.44 -11.33 -11.07
CA HIS B 182 19.47 -12.25 -12.18
C HIS B 182 20.19 -11.72 -13.40
N THR B 183 20.60 -12.65 -14.26
CA THR B 183 21.28 -12.32 -15.50
C THR B 183 20.31 -12.39 -16.68
N VAL B 184 20.50 -11.50 -17.64
CA VAL B 184 19.64 -11.40 -18.83
C VAL B 184 20.47 -11.12 -20.06
N ASN B 185 20.01 -11.64 -21.21
CA ASN B 185 20.56 -11.32 -22.55
C ASN B 185 19.76 -10.14 -23.13
N GLU B 186 20.33 -8.95 -22.99
CA GLU B 186 19.70 -7.68 -23.43
C GLU B 186 20.38 -7.29 -24.74
N GLY B 187 19.74 -7.67 -25.85
CA GLY B 187 20.41 -7.71 -27.14
C GLY B 187 21.49 -8.79 -27.05
N GLY B 188 22.67 -8.45 -27.56
CA GLY B 188 23.83 -9.34 -27.47
C GLY B 188 24.58 -9.29 -26.14
N GLU B 189 24.57 -8.12 -25.50
CA GLU B 189 25.29 -7.90 -24.24
C GLU B 189 24.56 -8.53 -23.04
N THR B 190 25.23 -9.44 -22.35
CA THR B 190 24.68 -10.07 -21.15
C THR B 190 24.82 -9.13 -19.94
N LYS B 191 23.80 -9.11 -19.10
CA LYS B 191 23.75 -8.12 -18.00
C LYS B 191 23.35 -8.75 -16.69
N LEU B 192 24.02 -8.35 -15.61
CA LEU B 192 23.60 -8.73 -14.25
C LEU B 192 22.66 -7.65 -13.73
N ARG B 193 21.46 -8.06 -13.38
CA ARG B 193 20.34 -7.13 -13.14
C ARG B 193 19.73 -7.34 -11.74
N ALA B 194 19.33 -6.23 -11.13
CA ALA B 194 18.63 -6.22 -9.85
C ALA B 194 17.31 -5.45 -10.06
N VAL B 195 16.20 -6.08 -9.71
CA VAL B 195 14.87 -5.45 -9.74
C VAL B 195 14.17 -5.56 -8.38
N ALA B 196 13.57 -4.44 -7.97
CA ALA B 196 12.75 -4.35 -6.76
C ALA B 196 11.41 -3.69 -7.06
N THR B 197 10.38 -4.13 -6.35
CA THR B 197 9.06 -3.50 -6.42
C THR B 197 8.33 -3.73 -5.11
N ASP B 198 7.45 -2.80 -4.76
CA ASP B 198 6.57 -3.00 -3.63
C ASP B 198 5.10 -3.08 -4.03
N GLY B 199 4.83 -3.20 -5.34
CA GLY B 199 3.47 -3.05 -5.93
C GLY B 199 2.99 -1.61 -6.19
N HIS B 200 3.75 -0.60 -5.75
CA HIS B 200 3.39 0.83 -5.91
C HIS B 200 4.40 1.57 -6.81
N ARG B 201 5.48 0.88 -7.19
CA ARG B 201 6.57 1.45 -7.96
C ARG B 201 7.63 0.38 -8.18
N LEU B 202 8.55 0.65 -9.08
CA LEU B 202 9.58 -0.32 -9.39
C LEU B 202 10.94 0.35 -9.59
N ALA B 203 11.99 -0.39 -9.25
CA ALA B 203 13.36 0.04 -9.52
C ALA B 203 14.14 -1.10 -10.19
N LEU B 204 14.94 -0.75 -11.17
CA LEU B 204 15.74 -1.72 -11.92
C LEU B 204 17.13 -1.10 -12.05
N ALA B 205 18.16 -1.91 -11.80
CA ALA B 205 19.52 -1.52 -12.11
C ALA B 205 20.29 -2.70 -12.64
N GLU B 206 21.29 -2.41 -13.49
CA GLU B 206 22.08 -3.49 -14.12
C GLU B 206 23.51 -3.06 -14.43
N MET B 207 24.32 -4.08 -14.71
CA MET B 207 25.73 -3.90 -15.07
C MET B 207 26.09 -4.97 -16.10
N PRO B 208 27.18 -4.77 -16.85
CA PRO B 208 27.63 -5.89 -17.72
C PRO B 208 27.92 -7.08 -16.83
N ALA B 209 27.37 -8.25 -17.17
CA ALA B 209 27.53 -9.38 -16.30
C ALA B 209 29.03 -9.71 -16.09
N PRO B 210 29.46 -9.99 -14.85
CA PRO B 210 30.80 -10.57 -14.70
C PRO B 210 30.85 -11.99 -15.26
N GLU B 211 32.04 -12.42 -15.68
CA GLU B 211 32.20 -13.75 -16.28
C GLU B 211 31.78 -14.83 -15.32
N GLY B 212 31.06 -15.84 -15.84
CA GLY B 212 30.47 -16.90 -15.00
C GLY B 212 29.08 -16.59 -14.45
N ALA B 213 28.59 -15.37 -14.68
CA ALA B 213 27.19 -15.01 -14.43
C ALA B 213 26.44 -15.25 -15.74
N VAL B 214 26.05 -16.50 -15.94
CA VAL B 214 25.29 -16.92 -17.12
C VAL B 214 24.90 -18.36 -16.80
N GLY B 215 23.62 -18.69 -16.96
CA GLY B 215 23.11 -20.00 -16.54
C GLY B 215 22.88 -20.17 -15.04
N ILE B 216 23.43 -19.28 -14.20
CA ILE B 216 23.12 -19.28 -12.76
C ILE B 216 21.65 -18.89 -12.61
N PRO B 217 20.94 -19.50 -11.67
CA PRO B 217 19.53 -19.13 -11.56
C PRO B 217 19.40 -17.72 -10.98
N GLY B 218 18.27 -17.09 -11.29
CA GLY B 218 17.93 -15.81 -10.72
C GLY B 218 17.40 -16.07 -9.33
N VAL B 219 17.75 -15.18 -8.40
CA VAL B 219 17.41 -15.38 -7.00
C VAL B 219 16.73 -14.11 -6.43
N ILE B 220 15.77 -14.33 -5.53
CA ILE B 220 15.10 -13.25 -4.80
C ILE B 220 15.72 -13.18 -3.40
N VAL B 221 16.51 -12.16 -3.18
CA VAL B 221 17.29 -12.05 -1.92
C VAL B 221 16.43 -11.29 -0.91
N PRO B 222 16.10 -11.89 0.25
CA PRO B 222 15.25 -11.23 1.21
C PRO B 222 15.76 -9.85 1.65
N ARG B 223 14.82 -8.97 2.00
CA ARG B 223 15.13 -7.61 2.38
C ARG B 223 16.23 -7.48 3.42
N LYS B 224 16.14 -8.27 4.49
CA LYS B 224 17.07 -8.18 5.60
C LYS B 224 18.46 -8.68 5.16
N THR B 225 18.45 -9.67 4.28
CA THR B 225 19.70 -10.23 3.72
C THR B 225 20.39 -9.20 2.88
N ILE B 226 19.64 -8.48 2.04
CA ILE B 226 20.16 -7.34 1.32
C ILE B 226 20.75 -6.27 2.26
N ALA B 227 20.03 -5.96 3.33
CA ALA B 227 20.50 -4.98 4.32
C ALA B 227 21.86 -5.40 4.91
N GLU B 228 21.97 -6.65 5.32
CA GLU B 228 23.12 -7.13 6.00
C GLU B 228 24.31 -7.38 5.06
N ALA B 229 24.01 -7.79 3.84
CA ALA B 229 25.05 -7.85 2.79
C ALA B 229 25.61 -6.49 2.48
N ARG B 230 24.73 -5.51 2.31
CA ARG B 230 25.13 -4.16 1.99
C ARG B 230 26.02 -3.54 3.08
N ARG B 231 25.71 -3.85 4.34
CA ARG B 231 26.48 -3.41 5.50
C ARG B 231 27.90 -4.01 5.45
N LEU B 232 27.99 -5.31 5.20
CA LEU B 232 29.29 -5.98 5.07
C LEU B 232 30.11 -5.49 3.86
N MET B 233 29.44 -5.01 2.79
CA MET B 233 30.16 -4.43 1.65
C MET B 233 30.91 -3.15 1.97
N GLU B 234 30.47 -2.44 3.00
CA GLU B 234 31.21 -1.29 3.54
C GLU B 234 32.62 -1.62 4.00
N SER B 235 32.87 -2.87 4.40
CA SER B 235 34.21 -3.27 4.84
C SER B 235 34.85 -4.37 3.97
N ALA B 236 34.37 -4.53 2.75
CA ALA B 236 34.83 -5.60 1.85
C ALA B 236 36.10 -5.13 1.16
N GLY B 237 36.73 -6.04 0.48
CA GLY B 237 37.93 -5.68 -0.30
C GLY B 237 37.50 -5.26 -1.70
N GLU B 238 38.30 -5.65 -2.69
CA GLU B 238 38.13 -5.13 -4.06
C GLU B 238 36.93 -5.78 -4.71
N THR B 239 36.68 -7.04 -4.38
CA THR B 239 35.55 -7.78 -4.93
C THR B 239 34.73 -8.45 -3.82
N VAL B 240 33.51 -8.83 -4.19
CA VAL B 240 32.67 -9.66 -3.37
C VAL B 240 32.29 -10.82 -4.22
N ASP B 241 32.36 -12.00 -3.65
CA ASP B 241 31.93 -13.22 -4.35
C ASP B 241 30.49 -13.53 -4.05
N LEU B 242 29.75 -13.91 -5.10
CA LEU B 242 28.38 -14.31 -5.03
C LEU B 242 28.25 -15.75 -5.48
N GLN B 243 27.48 -16.54 -4.73
CA GLN B 243 27.01 -17.88 -5.13
C GLN B 243 25.51 -18.05 -4.92
N VAL B 244 24.88 -18.84 -5.77
CA VAL B 244 23.44 -19.02 -5.74
C VAL B 244 23.07 -20.47 -5.96
N SER B 245 22.02 -20.89 -5.27
CA SER B 245 21.29 -22.10 -5.60
C SER B 245 19.81 -21.73 -5.61
N PRO B 246 18.92 -22.67 -5.96
CA PRO B 246 17.49 -22.34 -5.88
C PRO B 246 16.99 -22.12 -4.47
N GLN B 247 17.72 -22.58 -3.45
CA GLN B 247 17.31 -22.38 -2.05
C GLN B 247 18.21 -21.42 -1.24
N LYS B 248 19.37 -21.02 -1.78
CA LYS B 248 20.36 -20.24 -1.01
C LYS B 248 21.14 -19.24 -1.82
N VAL B 249 21.57 -18.19 -1.14
CA VAL B 249 22.47 -17.21 -1.68
C VAL B 249 23.60 -17.01 -0.66
N ARG B 250 24.81 -16.82 -1.17
CA ARG B 250 25.98 -16.62 -0.33
C ARG B 250 26.87 -15.55 -0.89
N PHE B 251 27.19 -14.63 0.01
CA PHE B 251 28.10 -13.55 -0.26
C PHE B 251 29.38 -13.84 0.53
N GLU B 252 30.53 -13.77 -0.13
CA GLU B 252 31.82 -13.91 0.58
C GLU B 252 32.60 -12.61 0.45
N PHE B 253 32.97 -12.08 1.61
CA PHE B 253 33.66 -10.78 1.68
C PHE B 253 35.17 -10.92 1.94
N GLY B 254 35.65 -12.14 2.18
CA GLY B 254 37.05 -12.38 2.56
C GLY B 254 37.02 -13.22 3.81
N ALA B 255 37.23 -12.60 4.96
CA ALA B 255 37.07 -13.30 6.24
C ALA B 255 35.58 -13.55 6.54
N ALA B 256 34.73 -12.60 6.19
CA ALA B 256 33.28 -12.67 6.53
C ALA B 256 32.50 -13.27 5.38
N ALA B 257 31.42 -13.96 5.72
CA ALA B 257 30.50 -14.49 4.75
C ALA B 257 29.06 -14.44 5.29
N LEU B 258 28.12 -14.32 4.36
CA LEU B 258 26.70 -14.27 4.68
C LEU B 258 25.99 -15.29 3.81
N THR B 259 25.35 -16.25 4.45
CA THR B 259 24.55 -17.26 3.76
C THR B 259 23.08 -17.16 4.14
N SER B 260 22.22 -17.15 3.15
CA SER B 260 20.83 -16.99 3.42
C SER B 260 19.86 -17.71 2.57
N LYS B 261 18.77 -18.08 3.18
CA LYS B 261 17.59 -18.51 2.43
C LYS B 261 17.19 -17.45 1.40
N VAL B 262 16.44 -17.90 0.40
CA VAL B 262 15.94 -17.02 -0.62
C VAL B 262 14.43 -17.01 -0.51
N ILE B 263 13.79 -16.01 -1.08
CA ILE B 263 12.33 -15.97 -1.14
C ILE B 263 11.95 -17.04 -2.18
N ASP B 264 11.14 -18.00 -1.81
CA ASP B 264 10.86 -19.07 -2.82
C ASP B 264 9.72 -18.66 -3.75
N GLY B 265 9.73 -19.28 -4.93
CA GLY B 265 8.76 -19.02 -5.99
C GLY B 265 9.31 -18.07 -7.02
N ALA B 266 8.56 -17.89 -8.09
CA ALA B 266 8.99 -17.05 -9.20
C ALA B 266 8.75 -15.57 -8.89
N PHE B 267 9.64 -14.72 -9.39
CA PHE B 267 9.42 -13.29 -9.44
C PHE B 267 8.54 -13.01 -10.68
N PRO B 268 7.38 -12.34 -10.52
CA PRO B 268 6.50 -12.00 -11.65
C PRO B 268 7.16 -11.21 -12.75
N ASP B 269 6.64 -11.36 -13.97
CA ASP B 269 7.27 -10.77 -15.15
C ASP B 269 7.23 -9.24 -15.09
N TYR B 270 8.34 -8.67 -14.67
CA TYR B 270 8.46 -7.20 -14.53
C TYR B 270 8.56 -6.47 -15.86
N MET B 271 8.90 -7.19 -16.93
CA MET B 271 9.01 -6.56 -18.25
C MET B 271 7.65 -6.05 -18.72
N ARG B 272 6.58 -6.72 -18.28
CA ARG B 272 5.20 -6.28 -18.51
C ARG B 272 4.86 -4.94 -17.79
N VAL B 273 5.47 -4.72 -16.62
CA VAL B 273 5.22 -3.55 -15.76
C VAL B 273 5.99 -2.29 -16.17
N ILE B 274 7.04 -2.42 -16.97
CA ILE B 274 7.86 -1.28 -17.37
C ILE B 274 7.36 -0.71 -18.71
N PRO B 275 6.80 0.51 -18.72
CA PRO B 275 6.22 1.02 -19.98
C PRO B 275 7.24 1.21 -21.10
N ARG B 276 6.91 0.73 -22.30
CA ARG B 276 7.78 0.85 -23.47
C ARG B 276 7.42 2.04 -24.33
N ASP B 277 6.14 2.38 -24.40
CA ASP B 277 5.63 3.30 -25.42
C ASP B 277 5.14 4.64 -24.93
N ASN B 278 5.50 5.05 -23.69
CA ASN B 278 5.09 6.36 -23.15
C ASN B 278 5.71 7.43 -24.02
N ALA B 279 4.85 8.20 -24.70
CA ALA B 279 5.29 9.12 -25.76
C ALA B 279 5.50 10.57 -25.32
N LYS B 280 4.93 11.00 -24.19
CA LYS B 280 5.16 12.36 -23.68
C LYS B 280 6.47 12.38 -22.92
N ILE B 281 7.50 12.99 -23.50
CA ILE B 281 8.87 12.92 -22.98
C ILE B 281 9.24 14.26 -22.40
N LEU B 282 9.73 14.26 -21.18
CA LEU B 282 9.97 15.50 -20.44
C LEU B 282 11.30 15.38 -19.73
N THR B 283 12.16 16.38 -19.91
CA THR B 283 13.48 16.38 -19.33
C THR B 283 13.65 17.56 -18.42
N LEU B 284 14.22 17.33 -17.24
CA LEU B 284 14.31 18.39 -16.24
C LEU B 284 15.63 18.32 -15.44
N ASP B 285 15.89 19.38 -14.70
CA ASP B 285 17.03 19.51 -13.80
C ASP B 285 16.67 18.72 -12.53
N ASN B 286 17.32 17.58 -12.36
CA ASN B 286 16.96 16.60 -11.32
C ASN B 286 17.07 17.17 -9.91
N ASP B 287 18.16 17.85 -9.63
CA ASP B 287 18.37 18.45 -8.31
C ASP B 287 17.36 19.56 -7.99
N LEU B 288 17.07 20.41 -8.97
CA LEU B 288 16.10 21.46 -8.78
C LEU B 288 14.72 20.85 -8.55
N PHE B 289 14.36 19.87 -9.37
CA PHE B 289 13.07 19.23 -9.22
C PHE B 289 12.91 18.57 -7.84
N ALA B 290 13.94 17.86 -7.37
CA ALA B 290 13.91 17.21 -6.06
C ALA B 290 13.73 18.23 -4.95
N LYS B 291 14.45 19.36 -5.07
CA LYS B 291 14.33 20.44 -4.10
C LYS B 291 12.94 21.05 -4.09
N ALA B 292 12.36 21.22 -5.26
CA ALA B 292 11.02 21.78 -5.36
C ALA B 292 9.95 20.84 -4.78
N VAL B 293 10.08 19.56 -5.09
CA VAL B 293 9.18 18.52 -4.55
C VAL B 293 9.27 18.54 -3.04
N ASP B 294 10.48 18.47 -2.50
CA ASP B 294 10.69 18.50 -1.09
C ASP B 294 10.13 19.77 -0.44
N ARG B 295 10.35 20.92 -1.07
CA ARG B 295 9.79 22.16 -0.58
C ARG B 295 8.25 22.15 -0.49
N VAL B 296 7.58 21.83 -1.60
CA VAL B 296 6.11 21.92 -1.61
C VAL B 296 5.45 20.87 -0.69
N ALA B 297 6.04 19.67 -0.63
CA ALA B 297 5.58 18.60 0.29
C ALA B 297 5.60 18.91 1.77
N THR B 298 6.33 19.95 2.15
CA THR B 298 6.36 20.41 3.52
C THR B 298 4.97 20.76 4.04
N ILE B 299 4.11 21.23 3.17
CA ILE B 299 2.69 21.59 3.52
C ILE B 299 1.80 20.37 3.84
N SER B 300 2.11 19.21 3.28
CA SER B 300 1.25 18.03 3.41
C SER B 300 1.11 17.59 4.85
N ALA B 301 -0.11 17.29 5.28
CA ALA B 301 -0.39 16.74 6.63
C ALA B 301 -0.71 15.24 6.63
N GLU B 302 -0.36 14.53 5.57
CA GLU B 302 -0.73 13.11 5.40
C GLU B 302 0.51 12.36 4.95
N LYS B 303 0.58 11.07 5.29
CA LYS B 303 1.78 10.26 5.03
C LYS B 303 2.06 9.99 3.54
N SER B 304 1.04 10.04 2.72
CA SER B 304 1.22 9.94 1.28
C SER B 304 1.96 11.12 0.66
N ARG B 305 1.93 12.29 1.30
CA ARG B 305 2.65 13.47 0.80
C ARG B 305 2.36 13.72 -0.67
N SER B 306 1.08 13.73 -1.02
CA SER B 306 0.66 13.89 -2.41
C SER B 306 1.02 15.24 -3.03
N VAL B 307 1.60 15.20 -4.23
CA VAL B 307 1.96 16.41 -4.93
C VAL B 307 1.32 16.40 -6.30
N LYS B 308 0.71 17.51 -6.66
CA LYS B 308 0.12 17.69 -7.98
C LYS B 308 1.13 18.36 -8.90
N LEU B 309 1.33 17.73 -10.05
CA LEU B 309 2.14 18.24 -11.14
C LEU B 309 1.19 18.67 -12.27
N ALA B 310 1.18 19.96 -12.54
CA ALA B 310 0.49 20.54 -13.72
C ALA B 310 1.53 20.78 -14.80
N VAL B 311 1.56 19.89 -15.79
CA VAL B 311 2.59 19.87 -16.83
C VAL B 311 2.06 20.63 -18.06
N GLU B 312 2.84 21.59 -18.53
CA GLU B 312 2.55 22.33 -19.79
C GLU B 312 3.86 22.54 -20.57
N PRO B 313 3.75 22.94 -21.87
CA PRO B 313 4.99 23.22 -22.56
C PRO B 313 5.90 24.12 -21.76
N GLY B 314 7.16 23.71 -21.63
CA GLY B 314 8.13 24.50 -20.92
C GLY B 314 8.15 24.47 -19.39
N ARG B 315 7.14 23.90 -18.74
CA ARG B 315 6.98 24.12 -17.28
C ARG B 315 6.23 23.04 -16.53
N ILE B 316 6.65 22.81 -15.27
CA ILE B 316 5.87 22.03 -14.31
C ILE B 316 5.56 22.98 -13.18
N THR B 317 4.30 23.04 -12.81
CA THR B 317 3.88 23.77 -11.63
C THR B 317 3.52 22.71 -10.59
N LEU B 318 4.20 22.75 -9.46
CA LEU B 318 4.00 21.80 -8.35
C LEU B 318 3.10 22.44 -7.29
N THR B 319 2.07 21.73 -6.85
CA THR B 319 1.15 22.22 -5.85
C THR B 319 0.84 21.17 -4.77
N VAL B 320 0.77 21.66 -3.52
CA VAL B 320 0.34 20.90 -2.35
C VAL B 320 -0.55 21.81 -1.55
N ARG B 321 -1.65 21.26 -1.02
CA ARG B 321 -2.57 22.00 -0.15
C ARG B 321 -3.06 21.09 0.97
N ASN B 322 -3.21 21.62 2.16
CA ASN B 322 -3.73 20.83 3.27
C ASN B 322 -5.10 21.33 3.69
N MET B 323 -5.75 20.52 4.51
CA MET B 323 -7.10 20.77 4.98
C MET B 323 -7.22 22.05 5.84
N GLU B 324 -6.13 22.52 6.42
CA GLU B 324 -6.12 23.77 7.21
C GLU B 324 -5.79 25.00 6.34
N ALA B 325 -5.82 24.85 5.03
CA ALA B 325 -5.59 25.91 4.03
C ALA B 325 -4.09 26.30 3.84
N GLY B 326 -3.19 25.51 4.40
CA GLY B 326 -1.78 25.58 4.01
C GLY B 326 -1.68 25.28 2.52
N GLN B 327 -0.83 26.03 1.83
CA GLN B 327 -0.64 25.85 0.41
C GLN B 327 0.80 26.12 0.01
N ALA B 328 1.29 25.35 -0.95
CA ALA B 328 2.61 25.56 -1.58
C ALA B 328 2.49 25.40 -3.06
N VAL B 329 3.15 26.30 -3.80
CA VAL B 329 3.27 26.22 -5.22
C VAL B 329 4.70 26.54 -5.64
N GLU B 330 5.24 25.78 -6.59
CA GLU B 330 6.52 26.11 -7.22
C GLU B 330 6.48 25.82 -8.71
N GLU B 331 7.07 26.72 -9.51
CA GLU B 331 7.25 26.50 -10.94
C GLU B 331 8.67 26.05 -11.23
N VAL B 332 8.80 25.04 -12.07
CA VAL B 332 10.07 24.55 -12.54
C VAL B 332 10.03 24.50 -14.06
N GLU B 333 11.04 25.09 -14.70
CA GLU B 333 11.16 25.07 -16.14
C GLU B 333 11.67 23.68 -16.56
N VAL B 334 11.10 23.15 -17.62
CA VAL B 334 11.44 21.83 -18.14
C VAL B 334 11.47 21.83 -19.67
N ASP B 335 12.08 20.80 -20.25
CA ASP B 335 11.99 20.52 -21.69
C ASP B 335 10.79 19.62 -21.97
N TYR B 336 9.75 20.21 -22.51
CA TYR B 336 8.54 19.48 -22.83
C TYR B 336 7.72 20.30 -23.82
N ASP B 337 7.30 19.68 -24.91
CA ASP B 337 6.46 20.38 -25.92
C ASP B 337 5.17 19.65 -26.30
N GLY B 338 4.71 18.74 -25.44
CA GLY B 338 3.46 18.01 -25.65
C GLY B 338 2.25 18.76 -25.11
N GLU B 339 1.13 18.05 -25.05
CA GLU B 339 -0.12 18.61 -24.56
C GLU B 339 -0.08 18.70 -23.04
N PRO B 340 -0.72 19.74 -22.47
CA PRO B 340 -0.73 19.87 -21.01
C PRO B 340 -1.57 18.82 -20.32
N PHE B 341 -1.26 18.53 -19.07
CA PHE B 341 -2.03 17.60 -18.29
C PHE B 341 -1.67 17.77 -16.80
N GLU B 342 -2.45 17.12 -15.95
CA GLU B 342 -2.20 17.09 -14.50
C GLU B 342 -2.01 15.67 -14.01
N ILE B 343 -1.08 15.47 -13.09
CA ILE B 343 -0.80 14.16 -12.56
C ILE B 343 -0.31 14.30 -11.13
N GLY B 344 -0.67 13.35 -10.30
CA GLY B 344 -0.28 13.33 -8.88
C GLY B 344 0.70 12.20 -8.59
N PHE B 345 1.65 12.46 -7.69
CA PHE B 345 2.53 11.45 -7.15
C PHE B 345 2.76 11.58 -5.67
N ASN B 346 3.10 10.47 -5.03
CA ASN B 346 3.61 10.46 -3.65
C ASN B 346 5.01 11.14 -3.66
N ALA B 347 5.18 12.22 -2.91
CA ALA B 347 6.44 12.95 -2.90
C ALA B 347 7.65 12.07 -2.52
N ARG B 348 7.48 11.18 -1.55
CA ARG B 348 8.57 10.29 -1.15
C ARG B 348 9.03 9.39 -2.32
N TYR B 349 8.09 8.89 -3.10
CA TYR B 349 8.40 8.03 -4.22
C TYR B 349 9.13 8.79 -5.31
N LEU B 350 8.73 10.04 -5.58
CA LEU B 350 9.48 10.91 -6.50
C LEU B 350 10.89 11.15 -5.96
N LEU B 351 10.98 11.57 -4.69
CA LEU B 351 12.29 11.85 -4.10
C LEU B 351 13.22 10.65 -4.05
N ASP B 352 12.68 9.44 -3.82
CA ASP B 352 13.49 8.23 -3.90
C ASP B 352 14.15 8.03 -5.29
N VAL B 353 13.38 8.26 -6.35
CA VAL B 353 13.92 8.14 -7.72
C VAL B 353 14.96 9.20 -7.98
N CYS B 354 14.63 10.46 -7.67
CA CYS B 354 15.55 11.58 -7.87
C CYS B 354 16.89 11.39 -7.15
N GLY B 355 16.84 10.82 -5.96
CA GLY B 355 18.01 10.47 -5.18
C GLY B 355 18.96 9.49 -5.85
N GLN B 356 18.47 8.68 -6.79
CA GLN B 356 19.33 7.74 -7.52
C GLN B 356 19.83 8.20 -8.88
N ILE B 357 19.31 9.31 -9.41
CA ILE B 357 19.69 9.77 -10.74
C ILE B 357 21.12 10.31 -10.66
N ALA B 358 21.98 9.80 -11.54
CA ALA B 358 23.42 10.07 -11.48
C ALA B 358 23.85 11.44 -11.97
N GLY B 359 23.21 11.95 -13.02
CA GLY B 359 23.67 13.19 -13.68
C GLY B 359 22.73 14.35 -13.40
N PRO B 360 22.96 15.51 -14.07
CA PRO B 360 22.14 16.68 -13.78
C PRO B 360 20.69 16.55 -14.23
N GLN B 361 20.40 15.61 -15.13
CA GLN B 361 19.06 15.55 -15.72
C GLN B 361 18.33 14.28 -15.35
N ALA B 362 17.00 14.39 -15.25
CA ALA B 362 16.13 13.23 -15.24
C ALA B 362 15.13 13.32 -16.38
N GLU B 363 14.73 12.17 -16.93
CA GLU B 363 13.84 12.17 -18.08
C GLU B 363 12.61 11.36 -17.69
N PHE B 364 11.46 12.00 -17.74
CA PHE B 364 10.19 11.36 -17.44
C PHE B 364 9.51 11.01 -18.75
N ARG B 365 8.88 9.85 -18.83
CA ARG B 365 8.03 9.50 -19.96
C ARG B 365 6.66 9.18 -19.44
N PHE B 366 5.70 9.95 -19.89
CA PHE B 366 4.29 9.79 -19.51
C PHE B 366 3.43 9.26 -20.67
N ALA B 367 2.35 8.57 -20.32
CA ALA B 367 1.25 8.30 -21.23
C ALA B 367 0.04 9.10 -20.74
N ASP B 368 -0.99 8.47 -20.19
CA ASP B 368 -2.16 9.19 -19.65
C ASP B 368 -1.90 9.49 -18.19
N PRO B 369 -2.68 10.39 -17.58
CA PRO B 369 -2.53 10.69 -16.14
C PRO B 369 -2.74 9.54 -15.16
N ALA B 370 -3.48 8.50 -15.56
CA ALA B 370 -3.62 7.27 -14.75
C ALA B 370 -2.55 6.21 -15.02
N SER B 371 -1.68 6.42 -16.02
CA SER B 371 -0.73 5.40 -16.48
C SER B 371 0.57 5.35 -15.63
N PRO B 372 1.17 4.16 -15.53
CA PRO B 372 2.56 4.01 -15.00
C PRO B 372 3.49 4.92 -15.76
N THR B 373 4.34 5.64 -15.01
CA THR B 373 5.21 6.64 -15.57
C THR B 373 6.64 6.14 -15.48
N LEU B 374 7.42 6.38 -16.52
CA LEU B 374 8.81 5.90 -16.57
C LEU B 374 9.76 7.04 -16.24
N VAL B 375 10.79 6.72 -15.47
CA VAL B 375 11.90 7.64 -15.31
C VAL B 375 13.19 6.95 -15.81
N VAL B 376 13.94 7.66 -16.66
CA VAL B 376 15.26 7.24 -17.09
C VAL B 376 16.28 8.29 -16.79
N ASP B 377 17.52 7.82 -16.70
CA ASP B 377 18.70 8.64 -16.42
C ASP B 377 19.39 8.80 -17.78
N PRO B 378 19.38 10.03 -18.37
CA PRO B 378 20.02 10.27 -19.68
C PRO B 378 21.53 9.94 -19.78
N VAL B 379 22.28 10.03 -18.68
CA VAL B 379 23.72 9.63 -18.64
C VAL B 379 23.97 8.23 -18.07
N ASP B 380 22.91 7.44 -17.84
CA ASP B 380 23.06 6.07 -17.37
C ASP B 380 21.98 5.16 -17.91
N PRO B 381 22.28 4.43 -19.00
CA PRO B 381 21.26 3.56 -19.56
C PRO B 381 20.97 2.31 -18.78
N GLY B 382 21.73 2.03 -17.73
CA GLY B 382 21.51 0.81 -16.96
C GLY B 382 20.64 0.96 -15.70
N VAL B 383 19.73 1.94 -15.69
CA VAL B 383 18.70 2.03 -14.65
C VAL B 383 17.35 2.33 -15.27
N LYS B 384 16.29 1.96 -14.58
CA LYS B 384 14.94 2.30 -14.99
C LYS B 384 14.05 2.36 -13.75
N TYR B 385 13.14 3.32 -13.69
CA TYR B 385 12.21 3.46 -12.59
C TYR B 385 10.79 3.61 -13.12
N VAL B 386 9.85 2.99 -12.40
CA VAL B 386 8.42 3.15 -12.65
C VAL B 386 7.74 3.76 -11.42
N LEU B 387 6.96 4.81 -11.67
CA LEU B 387 6.12 5.48 -10.67
C LEU B 387 4.65 5.32 -11.05
N MET B 388 3.83 4.92 -10.09
CA MET B 388 2.42 4.88 -10.25
C MET B 388 1.80 6.19 -9.77
N PRO B 389 0.92 6.80 -10.57
CA PRO B 389 0.34 8.06 -10.13
C PRO B 389 -0.66 7.83 -9.03
N LEU B 390 -1.07 8.77 -8.37
CA LEU B 390 -2.09 8.79 -7.31
C LEU B 390 -3.10 9.86 -7.61
N ARG B 391 -4.22 9.66 -6.98
CA ARG B 391 -5.33 10.59 -7.11
C ARG B 391 -5.03 11.83 -6.28
N VAL B 392 -5.14 12.98 -6.92
CA VAL B 392 -5.18 14.30 -6.21
C VAL B 392 -6.48 15.12 -6.48
#